data_1HKV
#
_entry.id   1HKV
#
_cell.length_a   111.452
_cell.length_b   111.452
_cell.length_c   238.253
_cell.angle_alpha   90.00
_cell.angle_beta   90.00
_cell.angle_gamma   90.00
#
_symmetry.space_group_name_H-M   'P 41 21 2'
#
loop_
_entity.id
_entity.type
_entity.pdbx_description
1 polymer 'DIAMINOPIMELATE DECARBOXYLASE'
2 non-polymer LYSINE
3 non-polymer "PYRIDOXAL-5'-PHOSPHATE"
4 water water
#
_entity_poly.entity_id   1
_entity_poly.type   'polypeptide(L)'
_entity_poly.pdbx_seq_one_letter_code
;MNELLHLAPNVWPRNTTRDEVGVVCIAGIPLTQLAQEYGTPLFVIDEDDFRSRCRETAAAFGSGANVHYAAKAFLCSEVA
RWISEEGLCLDVCTGGELAVALHASFPPERITLHGNNKSVSELTAAVKAGVGHIVVDSMTEIERLDAIAGEAGIVQDVLV
RLTVGVEAHTHEFISTAHEDQKFGLSVASGAAMAAVRRVFATDHLRLVGLHSHIGSQIFDVDGFELAAHRVIGLLRDVVG
EFGPEKTAQIATVDLGGGLGISYLPSDDPPPIAELAAKLGTIVSDESTAVGLPTPKLVVEPGRAIAGPGTITLYEVGTVK
DVDVSATAHRRYVSVDGGMSDNIRTALYGAQYDVRLVSRVSDAPPVPARLVGKHCESGDIIVRDTWVPDDIRPGDLVAVA
ATGAYCYSLSSRYNMVGRPAVVAVHAGNARLVLRRETVDDLLSLEVRHHHHHH
;
_entity_poly.pdbx_strand_id   A,B
#
# COMPACT_ATOMS: atom_id res chain seq x y z
N ASN A 2 -22.51 14.31 23.70
CA ASN A 2 -21.73 14.57 24.91
C ASN A 2 -20.46 15.36 24.59
N GLU A 3 -19.32 14.82 24.04
CA GLU A 3 -17.94 15.46 23.89
C GLU A 3 -17.23 14.97 22.58
N LEU A 4 -17.55 13.73 22.21
CA LEU A 4 -17.19 13.14 20.95
C LEU A 4 -18.24 13.44 19.92
N LEU A 5 -19.02 14.45 20.21
CA LEU A 5 -20.21 14.73 19.46
C LEU A 5 -19.91 15.80 18.44
N HIS A 6 -19.00 16.71 18.82
CA HIS A 6 -18.71 17.87 18.00
C HIS A 6 -17.98 17.40 16.77
N LEU A 7 -18.42 17.93 15.63
CA LEU A 7 -17.84 17.61 14.34
C LEU A 7 -17.15 18.86 13.85
N ALA A 8 -15.82 18.88 13.96
CA ALA A 8 -15.07 20.07 13.72
C ALA A 8 -15.27 20.43 12.29
N PRO A 9 -15.79 21.58 12.02
CA PRO A 9 -16.08 21.99 10.64
C PRO A 9 -14.83 22.09 9.71
N ASN A 10 -13.66 22.40 10.24
CA ASN A 10 -12.43 22.41 9.40
C ASN A 10 -11.98 21.01 8.96
N VAL A 11 -12.60 19.99 9.53
CA VAL A 11 -12.17 18.58 9.31
C VAL A 11 -13.16 17.82 8.43
N TRP A 12 -14.47 17.97 8.74
CA TRP A 12 -15.58 17.27 8.07
C TRP A 12 -16.06 18.03 6.85
N PRO A 13 -16.65 17.31 5.89
CA PRO A 13 -17.17 17.93 4.69
C PRO A 13 -18.05 19.15 5.01
N ARG A 14 -18.08 20.11 4.10
CA ARG A 14 -18.80 21.37 4.29
C ARG A 14 -20.22 21.14 4.63
N ASN A 15 -20.82 20.16 3.97
CA ASN A 15 -22.23 19.88 4.11
C ASN A 15 -22.54 18.74 5.04
N THR A 16 -21.90 18.69 6.22
CA THR A 16 -22.27 17.66 7.23
C THR A 16 -23.23 18.26 8.24
N THR A 17 -24.26 17.48 8.58
CA THR A 17 -25.23 17.89 9.54
C THR A 17 -25.57 16.75 10.44
N ARG A 18 -26.27 17.07 11.50
CA ARG A 18 -26.81 16.09 12.39
C ARG A 18 -28.36 16.09 12.29
N ASP A 19 -28.89 14.91 12.00
CA ASP A 19 -30.32 14.55 12.24
C ASP A 19 -30.92 14.97 13.54
N GLU A 20 -32.24 15.16 13.49
CA GLU A 20 -33.14 15.16 14.68
C GLU A 20 -33.02 13.84 15.51
N VAL A 21 -32.85 12.68 14.85
CA VAL A 21 -32.52 11.42 15.59
C VAL A 21 -31.01 11.20 15.82
N GLY A 22 -30.22 12.31 15.66
CA GLY A 22 -28.76 12.33 15.77
C GLY A 22 -27.89 11.51 14.79
N VAL A 23 -28.40 11.22 13.61
CA VAL A 23 -27.59 10.56 12.55
C VAL A 23 -26.85 11.58 11.74
N VAL A 24 -25.55 11.43 11.60
CA VAL A 24 -24.77 12.36 10.81
C VAL A 24 -25.21 12.26 9.35
N CYS A 25 -25.31 13.40 8.69
CA CYS A 25 -25.81 13.50 7.35
C CYS A 25 -24.81 14.21 6.49
N ILE A 26 -24.68 13.78 5.21
CA ILE A 26 -23.88 14.52 4.23
C ILE A 26 -24.74 14.92 3.03
N ALA A 27 -24.87 16.24 2.84
CA ALA A 27 -25.64 16.74 1.73
C ALA A 27 -27.10 16.33 1.88
N GLY A 28 -27.59 16.33 3.14
CA GLY A 28 -28.99 16.12 3.44
C GLY A 28 -29.33 14.65 3.68
N ILE A 29 -28.41 13.73 3.32
CA ILE A 29 -28.67 12.30 3.42
C ILE A 29 -28.02 11.68 4.63
N PRO A 30 -28.79 10.99 5.45
CA PRO A 30 -28.23 10.30 6.61
C PRO A 30 -27.34 9.10 6.25
N LEU A 31 -26.21 8.93 6.94
CA LEU A 31 -25.21 7.93 6.57
C LEU A 31 -25.74 6.53 6.70
N THR A 32 -26.69 6.34 7.63
CA THR A 32 -27.36 5.02 7.77
C THR A 32 -28.05 4.62 6.50
N GLN A 33 -28.75 5.57 5.91
CA GLN A 33 -29.38 5.40 4.58
C GLN A 33 -28.39 4.91 3.56
N LEU A 34 -27.27 5.61 3.46
CA LEU A 34 -26.25 5.23 2.48
C LEU A 34 -25.69 3.88 2.75
N ALA A 35 -25.46 3.50 4.00
CA ALA A 35 -24.96 2.09 4.25
C ALA A 35 -25.98 1.00 3.86
N GLN A 36 -27.28 1.26 4.08
CA GLN A 36 -28.30 0.30 3.67
C GLN A 36 -28.36 0.20 2.18
N GLU A 37 -28.42 1.38 1.50
CA GLU A 37 -28.52 1.43 0.01
C GLU A 37 -27.30 0.80 -0.68
N TYR A 38 -26.07 1.16 -0.23
CA TYR A 38 -24.82 0.83 -1.00
C TYR A 38 -23.82 -0.10 -0.36
N GLY A 39 -24.03 -0.43 0.93
CA GLY A 39 -23.20 -1.39 1.67
C GLY A 39 -22.12 -0.63 2.41
N THR A 40 -21.32 -1.34 3.21
CA THR A 40 -20.03 -0.79 3.69
C THR A 40 -18.92 -1.81 3.48
N PRO A 41 -17.67 -1.36 3.47
CA PRO A 41 -17.28 0.03 3.59
C PRO A 41 -17.66 0.83 2.38
N LEU A 42 -17.82 2.12 2.55
CA LEU A 42 -18.34 3.02 1.56
C LEU A 42 -17.51 4.32 1.56
N PHE A 43 -17.19 4.83 0.38
CA PHE A 43 -16.55 6.14 0.30
C PHE A 43 -17.63 7.06 -0.07
N VAL A 44 -17.81 8.11 0.70
CA VAL A 44 -18.89 9.05 0.45
C VAL A 44 -18.35 10.38 0.10
N ILE A 45 -18.53 10.77 -1.17
CA ILE A 45 -18.01 12.06 -1.66
C ILE A 45 -19.06 13.19 -1.60
N ASP A 46 -18.73 14.30 -0.97
CA ASP A 46 -19.62 15.39 -0.90
C ASP A 46 -19.28 16.32 -2.05
N GLU A 47 -19.94 16.12 -3.18
CA GLU A 47 -19.61 16.82 -4.45
C GLU A 47 -19.56 18.32 -4.33
N ASP A 48 -20.45 18.92 -3.57
CA ASP A 48 -20.46 20.42 -3.45
C ASP A 48 -19.23 20.94 -2.74
N ASP A 49 -18.77 20.19 -1.76
CA ASP A 49 -17.51 20.42 -1.10
C ASP A 49 -16.38 20.41 -2.10
N PHE A 50 -16.30 19.38 -2.90
CA PHE A 50 -15.24 19.26 -3.87
C PHE A 50 -15.26 20.48 -4.83
N ARG A 51 -16.43 20.79 -5.32
CA ARG A 51 -16.58 21.91 -6.25
C ARG A 51 -16.27 23.21 -5.54
N SER A 52 -16.67 23.32 -4.28
CA SER A 52 -16.47 24.53 -3.53
C SER A 52 -15.00 24.84 -3.44
N ARG A 53 -14.20 23.82 -3.16
CA ARG A 53 -12.82 24.00 -2.91
C ARG A 53 -12.16 24.32 -4.22
N CYS A 54 -12.70 23.74 -5.30
CA CYS A 54 -12.26 24.08 -6.68
C CYS A 54 -12.45 25.54 -6.90
N ARG A 55 -13.63 26.05 -6.57
CA ARG A 55 -13.96 27.44 -6.79
C ARG A 55 -13.20 28.42 -5.88
N GLU A 56 -12.89 28.01 -4.65
CA GLU A 56 -12.25 28.93 -3.69
C GLU A 56 -10.78 29.07 -4.06
N THR A 57 -10.18 27.97 -4.48
CA THR A 57 -8.83 28.01 -4.91
C THR A 57 -8.69 28.83 -6.17
N ALA A 58 -9.60 28.65 -7.12
CA ALA A 58 -9.47 29.33 -8.43
C ALA A 58 -9.56 30.83 -8.21
N ALA A 59 -10.52 31.24 -7.43
CA ALA A 59 -10.64 32.65 -7.13
C ALA A 59 -9.32 33.23 -6.48
N ALA A 60 -8.78 32.47 -5.51
CA ALA A 60 -7.59 32.82 -4.77
C ALA A 60 -6.41 33.01 -5.66
N PHE A 61 -6.31 32.28 -6.74
CA PHE A 61 -5.17 32.42 -7.59
C PHE A 61 -5.45 33.09 -8.92
N GLY A 62 -6.64 33.70 -9.06
CA GLY A 62 -6.96 34.59 -10.17
C GLY A 62 -7.67 33.91 -11.35
N SER A 63 -7.52 32.59 -11.43
CA SER A 63 -7.97 31.83 -12.56
C SER A 63 -7.82 30.33 -12.26
N GLY A 64 -8.81 29.55 -12.60
CA GLY A 64 -8.70 28.15 -12.49
C GLY A 64 -7.60 27.60 -13.31
N ALA A 65 -7.14 28.36 -14.29
CA ALA A 65 -6.01 27.95 -15.13
C ALA A 65 -4.65 27.93 -14.33
N ASN A 66 -4.52 28.81 -13.37
CA ASN A 66 -3.36 28.80 -12.51
C ASN A 66 -3.45 27.64 -11.44
N VAL A 67 -4.51 26.82 -11.51
CA VAL A 67 -4.71 25.72 -10.56
C VAL A 67 -4.87 24.35 -11.27
N HIS A 68 -3.93 23.47 -11.06
CA HIS A 68 -3.88 22.23 -11.73
C HIS A 68 -4.21 21.17 -10.65
N TYR A 69 -5.26 20.37 -10.83
CA TYR A 69 -5.59 19.36 -9.85
C TYR A 69 -4.70 18.17 -10.08
N ALA A 70 -4.08 17.68 -9.01
CA ALA A 70 -3.20 16.60 -9.07
C ALA A 70 -3.99 15.33 -9.00
N ALA A 71 -4.09 14.67 -10.14
CA ALA A 71 -4.92 13.47 -10.33
C ALA A 71 -4.61 12.34 -9.40
N LYS A 72 -3.40 12.28 -8.93
CA LYS A 72 -2.96 11.13 -8.15
C LYS A 72 -3.76 11.06 -6.83
N ALA A 73 -4.23 12.21 -6.34
CA ALA A 73 -4.96 12.23 -5.08
C ALA A 73 -6.24 11.32 -5.19
N PHE A 74 -6.90 11.40 -6.32
CA PHE A 74 -8.07 10.57 -6.63
C PHE A 74 -8.51 10.92 -8.06
N LEU A 75 -8.72 9.91 -8.85
CA LEU A 75 -9.09 10.14 -10.20
C LEU A 75 -10.00 9.08 -10.69
N CYS A 76 -11.06 9.55 -11.31
CA CYS A 76 -11.95 8.76 -12.14
C CYS A 76 -12.59 9.73 -13.11
N SER A 77 -13.34 9.19 -14.07
CA SER A 77 -14.12 9.99 -15.04
C SER A 77 -14.98 11.08 -14.41
N GLU A 78 -15.75 10.75 -13.38
CA GLU A 78 -16.63 11.77 -12.74
C GLU A 78 -15.86 12.95 -12.22
N VAL A 79 -14.68 12.67 -11.69
CA VAL A 79 -13.88 13.71 -11.11
C VAL A 79 -13.21 14.53 -12.22
N ALA A 80 -12.71 13.88 -13.27
CA ALA A 80 -12.15 14.60 -14.44
C ALA A 80 -13.17 15.59 -15.02
N ARG A 81 -14.41 15.22 -14.89
CA ARG A 81 -15.48 15.97 -15.44
C ARG A 81 -15.80 17.16 -14.54
N TRP A 82 -15.65 16.99 -13.22
CA TRP A 82 -15.82 18.10 -12.23
C TRP A 82 -14.70 19.11 -12.43
N ILE A 83 -13.52 18.60 -12.67
CA ILE A 83 -12.40 19.44 -12.79
C ILE A 83 -12.57 20.29 -13.99
N SER A 84 -12.84 19.63 -15.11
CA SER A 84 -13.18 20.31 -16.37
C SER A 84 -14.25 21.39 -16.18
N GLU A 85 -15.36 21.06 -15.55
CA GLU A 85 -16.49 22.00 -15.39
C GLU A 85 -16.13 23.24 -14.57
N GLU A 86 -15.20 23.07 -13.66
CA GLU A 86 -14.89 24.13 -12.69
C GLU A 86 -13.65 24.89 -13.17
N GLY A 87 -13.12 24.43 -14.31
CA GLY A 87 -12.21 25.20 -15.11
C GLY A 87 -10.76 25.10 -14.70
N LEU A 88 -10.40 24.06 -13.96
CA LEU A 88 -9.05 23.89 -13.51
C LEU A 88 -8.36 23.05 -14.50
N CYS A 89 -7.06 22.94 -14.37
CA CYS A 89 -6.29 22.00 -15.18
C CYS A 89 -6.14 20.73 -14.44
N LEU A 90 -5.53 19.76 -15.09
CA LEU A 90 -5.40 18.43 -14.55
C LEU A 90 -3.96 17.90 -14.74
N ASP A 91 -3.35 17.41 -13.68
CA ASP A 91 -1.97 16.98 -13.74
C ASP A 91 -2.02 15.50 -13.77
N VAL A 92 -1.57 14.90 -14.84
CA VAL A 92 -1.55 13.48 -14.88
C VAL A 92 -0.16 13.12 -14.79
N CYS A 93 0.09 11.88 -14.45
CA CYS A 93 1.41 11.45 -14.05
C CYS A 93 1.93 10.23 -14.82
N THR A 94 1.06 9.30 -15.20
CA THR A 94 1.50 8.18 -16.07
C THR A 94 0.64 8.03 -17.28
N GLY A 95 1.04 7.09 -18.13
CA GLY A 95 0.25 6.68 -19.28
C GLY A 95 -1.19 6.40 -18.90
N GLY A 96 -1.37 5.61 -17.85
CA GLY A 96 -2.70 5.23 -17.38
C GLY A 96 -3.56 6.40 -16.98
N GLU A 97 -2.99 7.41 -16.32
CA GLU A 97 -3.79 8.53 -15.83
C GLU A 97 -4.25 9.33 -16.99
N LEU A 98 -3.40 9.38 -18.04
CA LEU A 98 -3.68 10.24 -19.24
C LEU A 98 -4.77 9.62 -20.07
N ALA A 99 -4.67 8.30 -20.21
CA ALA A 99 -5.77 7.51 -20.75
C ALA A 99 -7.13 7.87 -20.15
N VAL A 100 -7.28 7.73 -18.82
CA VAL A 100 -8.53 7.97 -18.18
C VAL A 100 -8.98 9.38 -18.40
N ALA A 101 -8.08 10.30 -18.34
CA ALA A 101 -8.50 11.68 -18.44
C ALA A 101 -9.04 11.87 -19.88
N LEU A 102 -8.38 11.20 -20.83
CA LEU A 102 -8.80 11.28 -22.22
C LEU A 102 -10.20 10.56 -22.47
N HIS A 103 -10.33 9.35 -21.97
CA HIS A 103 -11.58 8.65 -22.01
C HIS A 103 -12.73 9.49 -21.50
N ALA A 104 -12.45 10.41 -20.59
CA ALA A 104 -13.51 11.29 -20.04
C ALA A 104 -13.55 12.60 -20.72
N SER A 105 -12.94 12.63 -21.91
CA SER A 105 -12.99 13.83 -22.80
C SER A 105 -12.52 15.10 -22.09
N PHE A 106 -11.41 14.96 -21.35
CA PHE A 106 -10.77 16.11 -20.73
C PHE A 106 -10.00 16.99 -21.77
N PRO A 107 -10.25 18.29 -21.80
CA PRO A 107 -9.53 19.17 -22.73
C PRO A 107 -7.99 19.00 -22.60
N PRO A 108 -7.35 18.43 -23.59
CA PRO A 108 -5.95 18.09 -23.49
C PRO A 108 -5.01 19.28 -23.48
N GLU A 109 -5.51 20.46 -23.75
CA GLU A 109 -4.67 21.70 -23.60
C GLU A 109 -4.60 22.17 -22.13
N ARG A 110 -5.43 21.57 -21.28
CA ARG A 110 -5.49 21.87 -19.87
C ARG A 110 -4.89 20.70 -19.08
N ILE A 111 -4.20 19.83 -19.76
CA ILE A 111 -3.48 18.73 -19.13
C ILE A 111 -1.99 19.01 -19.10
N THR A 112 -1.36 18.72 -17.97
CA THR A 112 0.10 18.81 -17.83
C THR A 112 0.53 17.44 -17.42
N LEU A 113 1.63 16.93 -18.00
CA LEU A 113 2.03 15.59 -17.77
C LEU A 113 3.28 15.62 -16.92
N HIS A 114 3.31 14.85 -15.82
CA HIS A 114 4.44 14.80 -14.86
C HIS A 114 5.06 13.41 -14.85
N GLY A 115 6.25 13.30 -14.29
CA GLY A 115 6.83 11.96 -14.08
C GLY A 115 8.32 11.94 -14.17
N ASN A 116 8.95 11.15 -13.33
CA ASN A 116 10.37 10.90 -13.37
C ASN A 116 10.85 9.83 -14.34
N ASN A 117 9.90 9.09 -14.95
CA ASN A 117 10.29 7.97 -15.85
C ASN A 117 9.36 7.77 -16.97
N LYS A 118 9.04 8.86 -17.64
CA LYS A 118 8.09 8.84 -18.75
C LYS A 118 8.64 7.94 -19.83
N SER A 119 7.82 6.99 -20.28
CA SER A 119 8.27 6.09 -21.37
C SER A 119 8.14 6.83 -22.75
N VAL A 120 8.64 6.19 -23.80
CA VAL A 120 8.48 6.76 -25.11
C VAL A 120 7.02 6.80 -25.50
N SER A 121 6.30 5.67 -25.28
CA SER A 121 4.86 5.56 -25.69
C SER A 121 4.02 6.62 -24.97
N GLU A 122 4.42 6.95 -23.71
CA GLU A 122 3.70 7.95 -22.93
C GLU A 122 3.90 9.35 -23.51
N LEU A 123 5.15 9.65 -23.85
CA LEU A 123 5.46 11.00 -24.43
C LEU A 123 4.78 11.18 -25.84
N THR A 124 4.66 10.06 -26.53
CA THR A 124 4.09 10.04 -27.83
C THR A 124 2.66 10.27 -27.71
N ALA A 125 2.02 9.49 -26.83
CA ALA A 125 0.55 9.53 -26.70
C ALA A 125 0.10 10.91 -26.26
N ALA A 126 0.98 11.60 -25.52
CA ALA A 126 0.67 12.93 -25.01
C ALA A 126 0.70 14.01 -26.11
N VAL A 127 1.76 14.07 -26.93
CA VAL A 127 1.76 15.07 -28.02
C VAL A 127 0.71 14.71 -29.09
N LYS A 128 0.49 13.42 -29.27
CA LYS A 128 -0.57 12.95 -30.13
C LYS A 128 -1.96 13.48 -29.75
N ALA A 129 -2.31 13.48 -28.44
CA ALA A 129 -3.58 14.06 -27.95
C ALA A 129 -3.51 15.53 -27.81
N GLY A 130 -2.29 16.07 -27.83
CA GLY A 130 -2.06 17.52 -27.77
C GLY A 130 -2.08 18.10 -26.36
N VAL A 131 -1.35 17.45 -25.40
CA VAL A 131 -1.46 17.78 -23.98
C VAL A 131 -1.05 19.24 -23.71
N GLY A 132 0.08 19.65 -24.19
CA GLY A 132 0.32 21.11 -24.14
C GLY A 132 1.01 21.68 -22.91
N HIS A 133 1.28 20.84 -21.89
CA HIS A 133 2.46 21.05 -21.04
C HIS A 133 3.11 19.71 -20.70
N ILE A 134 4.43 19.64 -20.71
CA ILE A 134 5.13 18.48 -20.17
C ILE A 134 6.28 18.93 -19.34
N VAL A 135 6.26 18.54 -18.08
CA VAL A 135 7.24 18.98 -17.12
C VAL A 135 8.28 17.95 -17.15
N VAL A 136 9.42 18.32 -17.72
CA VAL A 136 10.51 17.40 -17.99
C VAL A 136 11.32 17.28 -16.75
N ASP A 137 11.94 16.12 -16.61
CA ASP A 137 12.58 15.70 -15.31
C ASP A 137 14.00 15.12 -15.46
N SER A 138 14.45 14.94 -16.70
CA SER A 138 15.79 14.39 -17.02
C SER A 138 16.32 14.82 -18.42
N MET A 139 17.63 14.82 -18.57
CA MET A 139 18.25 14.99 -19.90
C MET A 139 17.67 13.93 -20.89
N THR A 140 17.51 12.70 -20.43
CA THR A 140 17.03 11.66 -21.33
C THR A 140 15.58 11.97 -21.84
N GLU A 141 14.73 12.48 -20.95
CA GLU A 141 13.37 12.76 -21.31
C GLU A 141 13.38 13.89 -22.31
N ILE A 142 14.29 14.85 -22.14
CA ILE A 142 14.35 16.01 -23.04
C ILE A 142 14.74 15.59 -24.49
N GLU A 143 15.68 14.67 -24.59
CA GLU A 143 16.07 14.12 -25.84
C GLU A 143 14.91 13.42 -26.50
N ARG A 144 14.23 12.55 -25.75
CA ARG A 144 13.10 11.81 -26.28
C ARG A 144 11.97 12.75 -26.70
N LEU A 145 11.64 13.70 -25.85
CA LEU A 145 10.57 14.61 -26.15
C LEU A 145 10.88 15.42 -27.41
N ASP A 146 12.13 15.86 -27.53
CA ASP A 146 12.56 16.57 -28.73
C ASP A 146 12.30 15.74 -30.01
N ALA A 147 12.92 14.56 -30.11
CA ALA A 147 12.67 13.66 -31.27
C ALA A 147 11.17 13.53 -31.56
N ILE A 148 10.45 12.92 -30.63
CA ILE A 148 9.00 12.77 -30.69
C ILE A 148 8.23 14.01 -31.16
N ALA A 149 8.57 15.17 -30.66
CA ALA A 149 7.79 16.37 -30.98
C ALA A 149 8.16 16.87 -32.41
N GLY A 150 9.46 16.75 -32.75
CA GLY A 150 9.99 17.23 -34.02
C GLY A 150 9.36 16.40 -35.11
N GLU A 151 9.30 15.10 -34.85
CA GLU A 151 8.58 14.11 -35.65
C GLU A 151 7.17 14.43 -35.87
N ALA A 152 6.48 15.01 -34.89
CA ALA A 152 5.03 15.34 -35.07
C ALA A 152 4.84 16.73 -35.65
N GLY A 153 5.92 17.47 -35.82
CA GLY A 153 5.82 18.77 -36.43
C GLY A 153 5.17 19.76 -35.52
N ILE A 154 5.35 19.58 -34.22
CA ILE A 154 4.89 20.61 -33.27
C ILE A 154 6.01 21.15 -32.36
N VAL A 155 5.69 22.29 -31.74
CA VAL A 155 6.50 22.89 -30.66
C VAL A 155 5.84 22.68 -29.29
N GLN A 156 6.31 21.63 -28.59
CA GLN A 156 5.84 21.31 -27.18
C GLN A 156 6.30 22.30 -26.12
N ASP A 157 5.38 23.03 -25.54
CA ASP A 157 5.65 23.80 -24.37
C ASP A 157 6.07 22.87 -23.21
N VAL A 158 7.14 23.23 -22.48
CA VAL A 158 7.63 22.44 -21.36
C VAL A 158 8.00 23.31 -20.19
N LEU A 159 7.98 22.70 -19.00
CA LEU A 159 8.58 23.31 -17.84
C LEU A 159 9.67 22.38 -17.37
N VAL A 160 10.72 22.91 -16.78
CA VAL A 160 11.67 22.00 -16.13
C VAL A 160 11.44 21.91 -14.65
N ARG A 161 11.58 20.70 -14.12
CA ARG A 161 11.35 20.46 -12.73
C ARG A 161 12.63 20.69 -12.01
N LEU A 162 12.56 21.45 -10.91
CA LEU A 162 13.72 21.82 -10.12
C LEU A 162 13.80 21.14 -8.70
N THR A 163 15.03 20.86 -8.25
CA THR A 163 15.30 20.62 -6.84
C THR A 163 16.03 21.80 -6.30
N VAL A 164 15.37 22.48 -5.38
CA VAL A 164 15.99 23.57 -4.66
C VAL A 164 16.36 23.19 -3.20
N GLY A 165 16.45 21.91 -2.89
CA GLY A 165 16.70 21.47 -1.52
C GLY A 165 15.77 22.03 -0.43
N VAL A 166 14.48 22.11 -0.70
CA VAL A 166 13.49 22.45 0.36
C VAL A 166 12.45 21.36 0.56
N GLU A 167 12.24 20.96 1.78
CA GLU A 167 11.30 19.96 2.05
C GLU A 167 10.41 20.43 3.17
N ALA A 168 9.11 20.61 2.91
CA ALA A 168 8.22 21.21 3.91
C ALA A 168 7.19 20.26 4.39
N HIS A 169 6.82 20.36 5.67
CA HIS A 169 5.74 19.55 6.28
C HIS A 169 5.21 20.22 7.47
N THR A 170 3.90 20.28 7.55
CA THR A 170 3.17 21.04 8.55
C THR A 170 3.87 22.34 8.84
N HIS A 171 4.46 22.51 10.02
CA HIS A 171 4.92 23.89 10.40
C HIS A 171 6.42 24.02 10.41
N GLU A 172 7.08 23.14 9.71
CA GLU A 172 8.49 23.28 9.50
C GLU A 172 8.96 22.91 8.14
N PHE A 173 10.26 23.09 7.92
CA PHE A 173 10.88 22.68 6.70
C PHE A 173 12.39 22.45 6.84
N ILE A 174 12.91 21.51 6.06
CA ILE A 174 14.28 21.17 6.06
C ILE A 174 14.88 21.62 4.78
N SER A 175 16.01 22.23 4.91
CA SER A 175 16.76 22.73 3.75
C SER A 175 18.06 21.93 3.67
N THR A 176 18.46 21.48 2.49
CA THR A 176 19.67 20.67 2.38
C THR A 176 20.52 21.09 1.25
N ALA A 177 21.79 20.79 1.38
CA ALA A 177 22.77 21.30 0.44
C ALA A 177 22.61 20.55 -0.87
N HIS A 178 22.18 19.30 -0.72
CA HIS A 178 22.14 18.35 -1.78
C HIS A 178 20.89 17.50 -1.60
N GLU A 179 19.75 17.99 -2.13
CA GLU A 179 18.52 17.23 -2.12
C GLU A 179 18.74 15.83 -2.77
N ASP A 180 18.45 14.76 -2.02
CA ASP A 180 18.78 13.42 -2.41
C ASP A 180 17.49 12.66 -2.66
N GLN A 181 16.91 12.88 -3.84
CA GLN A 181 15.64 12.24 -4.27
C GLN A 181 15.63 12.09 -5.82
N LYS A 182 14.60 11.44 -6.37
CA LYS A 182 14.56 11.05 -7.81
C LYS A 182 14.14 12.19 -8.78
N PHE A 183 13.35 13.12 -8.29
CA PHE A 183 12.75 14.12 -9.13
C PHE A 183 13.70 15.27 -9.37
N GLY A 184 13.52 15.89 -10.54
CA GLY A 184 14.03 17.20 -10.79
C GLY A 184 15.52 17.27 -11.16
N LEU A 185 15.96 18.48 -11.35
CA LEU A 185 17.33 18.77 -11.67
C LEU A 185 17.84 19.83 -10.72
N SER A 186 19.05 19.60 -10.17
CA SER A 186 19.65 20.48 -9.19
C SER A 186 20.02 21.86 -9.79
N VAL A 187 19.62 22.91 -9.09
CA VAL A 187 19.93 24.27 -9.48
C VAL A 187 21.39 24.61 -9.17
N ALA A 188 21.81 24.25 -7.97
CA ALA A 188 23.11 24.55 -7.48
C ALA A 188 24.21 23.80 -8.24
N SER A 189 23.96 22.55 -8.68
CA SER A 189 25.04 21.75 -9.31
C SER A 189 25.13 22.09 -10.78
N GLY A 190 24.39 23.09 -11.21
CA GLY A 190 24.29 23.40 -12.64
C GLY A 190 23.38 22.49 -13.51
N ALA A 191 22.99 21.27 -13.03
CA ALA A 191 22.16 20.38 -13.88
C ALA A 191 20.94 21.13 -14.46
N ALA A 192 20.27 21.91 -13.64
CA ALA A 192 19.06 22.57 -14.11
C ALA A 192 19.37 23.52 -15.22
N MET A 193 20.44 24.30 -15.08
CA MET A 193 20.83 25.23 -16.14
C MET A 193 21.31 24.48 -17.42
N ALA A 194 22.08 23.40 -17.25
CA ALA A 194 22.37 22.53 -18.39
C ALA A 194 21.08 22.14 -19.15
N ALA A 195 19.97 21.93 -18.42
CA ALA A 195 18.72 21.45 -19.05
C ALA A 195 18.06 22.58 -19.72
N VAL A 196 18.12 23.75 -19.12
CA VAL A 196 17.53 24.91 -19.71
C VAL A 196 18.19 25.20 -21.05
N ARG A 197 19.48 24.90 -21.16
CA ARG A 197 20.24 25.12 -22.41
C ARG A 197 19.77 24.13 -23.47
N ARG A 198 19.75 22.85 -23.12
CA ARG A 198 19.39 21.83 -24.07
C ARG A 198 18.05 22.15 -24.68
N VAL A 199 17.16 22.75 -23.88
CA VAL A 199 15.78 23.06 -24.33
C VAL A 199 15.80 24.31 -25.24
N PHE A 200 16.70 25.21 -24.94
CA PHE A 200 16.95 26.32 -25.85
C PHE A 200 17.63 25.86 -27.21
N ALA A 201 18.49 24.83 -27.17
CA ALA A 201 19.23 24.35 -28.38
C ALA A 201 18.34 23.80 -29.49
N THR A 202 17.19 23.27 -29.11
CA THR A 202 16.28 22.74 -30.09
C THR A 202 15.06 23.69 -30.31
N ASP A 203 14.34 23.43 -31.36
CA ASP A 203 13.33 24.38 -31.91
C ASP A 203 11.92 23.70 -31.72
N HIS A 204 11.99 22.35 -31.59
CA HIS A 204 10.87 21.43 -31.31
C HIS A 204 10.27 21.41 -29.86
N LEU A 205 10.99 22.04 -28.92
CA LEU A 205 10.56 22.25 -27.53
C LEU A 205 10.54 23.74 -27.25
N ARG A 206 9.99 24.15 -26.14
CA ARG A 206 10.00 25.57 -25.82
C ARG A 206 9.74 25.78 -24.35
N LEU A 207 10.71 26.37 -23.66
CA LEU A 207 10.64 26.50 -22.22
C LEU A 207 9.72 27.64 -21.84
N VAL A 208 8.61 27.32 -21.15
CA VAL A 208 7.60 28.32 -20.73
C VAL A 208 7.47 28.52 -19.20
N GLY A 209 8.16 27.69 -18.44
CA GLY A 209 8.23 27.88 -17.00
C GLY A 209 9.12 26.87 -16.20
N LEU A 210 9.13 27.11 -14.88
CA LEU A 210 9.95 26.35 -13.94
C LEU A 210 9.09 25.78 -12.84
N HIS A 211 9.32 24.51 -12.53
CA HIS A 211 8.46 23.82 -11.61
C HIS A 211 9.26 23.39 -10.42
N SER A 212 8.63 23.49 -9.24
CA SER A 212 9.16 22.94 -8.01
C SER A 212 8.05 22.41 -7.08
N HIS A 213 8.25 21.18 -6.59
CA HIS A 213 7.32 20.59 -5.62
C HIS A 213 8.06 20.22 -4.38
N ILE A 214 7.65 20.79 -3.24
CA ILE A 214 8.48 20.75 -2.02
C ILE A 214 7.94 20.04 -0.78
N GLY A 215 6.74 19.40 -0.83
CA GLY A 215 6.24 18.63 0.30
C GLY A 215 4.75 18.29 0.34
N SER A 216 4.28 17.95 1.50
CA SER A 216 2.89 17.76 1.68
C SER A 216 2.47 18.17 3.06
N GLN A 217 1.18 18.44 3.24
CA GLN A 217 0.58 18.81 4.53
C GLN A 217 1.25 20.07 5.12
N ILE A 218 1.63 20.95 4.27
CA ILE A 218 2.21 22.21 4.67
C ILE A 218 1.18 23.20 5.24
N PHE A 219 1.50 23.78 6.41
CA PHE A 219 0.67 24.81 7.04
C PHE A 219 1.29 26.23 7.04
N ASP A 220 2.41 26.40 6.39
CA ASP A 220 3.08 27.72 6.42
C ASP A 220 3.48 28.06 5.10
N VAL A 221 3.63 29.32 4.89
CA VAL A 221 4.14 29.77 3.66
C VAL A 221 5.71 29.79 3.60
N ASP A 222 6.36 29.52 4.74
CA ASP A 222 7.84 29.81 4.87
C ASP A 222 8.67 29.01 3.92
N GLY A 223 8.32 27.78 3.77
CA GLY A 223 9.08 26.95 2.89
C GLY A 223 8.90 27.35 1.47
N PHE A 224 7.68 27.76 1.09
CA PHE A 224 7.44 28.20 -0.31
C PHE A 224 8.26 29.38 -0.62
N GLU A 225 8.39 30.31 0.34
CA GLU A 225 9.18 31.55 0.15
C GLU A 225 10.62 31.27 -0.21
N LEU A 226 11.27 30.40 0.57
CA LEU A 226 12.65 30.01 0.30
C LEU A 226 12.67 29.32 -1.04
N ALA A 227 11.76 28.38 -1.26
CA ALA A 227 11.77 27.60 -2.48
C ALA A 227 11.63 28.53 -3.66
N ALA A 228 10.70 29.50 -3.52
CA ALA A 228 10.44 30.48 -4.60
C ALA A 228 11.70 31.29 -4.87
N HIS A 229 12.37 31.78 -3.79
CA HIS A 229 13.67 32.50 -3.92
C HIS A 229 14.70 31.72 -4.72
N ARG A 230 14.90 30.46 -4.33
CA ARG A 230 15.85 29.60 -5.02
C ARG A 230 15.41 29.33 -6.50
N VAL A 231 14.10 29.29 -6.77
CA VAL A 231 13.64 29.08 -8.14
C VAL A 231 13.83 30.33 -9.00
N ILE A 232 13.32 31.48 -8.50
CA ILE A 232 13.49 32.77 -9.20
C ILE A 232 15.00 33.07 -9.42
N GLY A 233 15.85 32.58 -8.52
CA GLY A 233 17.27 32.65 -8.67
C GLY A 233 17.77 32.01 -9.93
N LEU A 234 17.23 30.88 -10.28
CA LEU A 234 17.53 30.28 -11.57
C LEU A 234 17.01 31.19 -12.69
N LEU A 235 15.82 31.73 -12.51
CA LEU A 235 15.29 32.54 -13.54
C LEU A 235 16.30 33.65 -13.86
N ARG A 236 16.77 34.35 -12.80
CA ARG A 236 17.84 35.35 -12.93
C ARG A 236 19.01 34.79 -13.72
N ASP A 237 19.51 33.63 -13.35
CA ASP A 237 20.64 33.08 -14.07
C ASP A 237 20.34 32.93 -15.58
N VAL A 238 19.13 32.51 -15.95
CA VAL A 238 18.89 32.21 -17.36
C VAL A 238 18.77 33.48 -18.19
N VAL A 239 18.13 34.55 -17.67
CA VAL A 239 18.12 35.84 -18.40
C VAL A 239 19.51 36.52 -18.37
N GLY A 240 20.31 36.22 -17.34
CA GLY A 240 21.71 36.62 -17.31
C GLY A 240 22.66 35.92 -18.31
N GLU A 241 22.28 34.79 -18.88
CA GLU A 241 23.13 34.15 -19.88
C GLU A 241 22.58 34.29 -21.33
N PHE A 242 21.27 34.56 -21.44
CA PHE A 242 20.57 34.52 -22.73
C PHE A 242 19.74 35.81 -22.97
N GLY A 243 19.82 36.73 -22.02
CA GLY A 243 19.24 38.06 -22.15
C GLY A 243 17.70 38.05 -22.28
N PRO A 244 17.02 39.04 -21.63
CA PRO A 244 15.51 39.11 -21.66
C PRO A 244 14.99 39.29 -23.12
N GLU A 245 14.85 38.14 -23.83
CA GLU A 245 14.22 38.06 -25.18
C GLU A 245 13.91 36.63 -25.54
N LYS A 246 14.94 35.75 -25.43
CA LYS A 246 14.78 34.31 -25.62
C LYS A 246 14.12 33.73 -24.35
N THR A 247 13.98 34.63 -23.36
CA THR A 247 13.60 34.34 -22.00
C THR A 247 12.21 34.96 -21.62
N ALA A 248 11.82 36.03 -22.31
CA ALA A 248 10.50 36.70 -22.05
C ALA A 248 9.37 35.68 -21.86
N GLN A 249 9.44 34.56 -22.61
CA GLN A 249 8.34 33.59 -22.63
C GLN A 249 8.35 32.61 -21.39
N ILE A 250 9.43 32.56 -20.60
CA ILE A 250 9.38 31.86 -19.29
C ILE A 250 8.62 32.72 -18.27
N ALA A 251 7.28 32.69 -18.36
CA ALA A 251 6.45 33.56 -17.52
C ALA A 251 5.64 32.80 -16.48
N THR A 252 5.91 31.53 -16.32
CA THR A 252 5.26 30.77 -15.28
C THR A 252 6.25 30.21 -14.22
N VAL A 253 5.92 30.44 -12.95
CA VAL A 253 6.52 29.70 -11.86
C VAL A 253 5.50 28.78 -11.17
N ASP A 254 5.72 27.47 -11.31
CA ASP A 254 4.90 26.44 -10.70
C ASP A 254 5.51 25.97 -9.36
N LEU A 255 4.93 26.42 -8.24
CA LEU A 255 5.40 26.04 -6.91
C LEU A 255 4.83 24.68 -6.39
N GLY A 256 4.29 23.90 -7.29
CA GLY A 256 3.77 22.57 -6.92
C GLY A 256 2.53 22.52 -6.02
N GLY A 257 2.34 21.39 -5.42
CA GLY A 257 1.31 21.22 -4.44
C GLY A 257 1.82 21.16 -3.01
N GLY A 258 1.09 20.41 -2.16
CA GLY A 258 1.40 20.22 -0.76
C GLY A 258 0.64 21.13 0.20
N LEU A 259 -0.27 21.90 -0.34
CA LEU A 259 -1.18 22.67 0.48
C LEU A 259 -2.01 21.81 1.33
N GLY A 260 -1.84 21.88 2.72
CA GLY A 260 -2.33 20.90 3.67
C GLY A 260 -3.83 21.07 4.01
N ILE A 261 -4.38 20.06 4.68
CA ILE A 261 -5.77 20.11 5.16
C ILE A 261 -5.80 19.64 6.61
N SER A 262 -6.98 19.70 7.22
CA SER A 262 -7.15 19.26 8.58
C SER A 262 -7.64 17.81 8.70
N TYR A 263 -6.76 16.89 8.99
CA TYR A 263 -7.16 15.56 9.39
C TYR A 263 -7.73 15.49 10.83
N LEU A 264 -7.19 16.35 11.69
CA LEU A 264 -7.60 16.44 13.08
C LEU A 264 -7.98 17.87 13.34
N PRO A 265 -8.86 18.07 14.28
CA PRO A 265 -9.32 19.39 14.65
C PRO A 265 -8.24 20.34 14.84
N SER A 266 -7.16 19.95 15.50
CA SER A 266 -6.05 20.90 15.82
C SER A 266 -5.24 21.32 14.61
N ASP A 267 -5.35 20.60 13.53
CA ASP A 267 -4.67 20.97 12.28
C ASP A 267 -5.18 22.33 11.73
N ASP A 268 -4.24 23.24 11.38
CA ASP A 268 -4.58 24.64 11.12
C ASP A 268 -3.88 25.15 9.90
N PRO A 269 -4.22 24.58 8.75
CA PRO A 269 -3.71 25.07 7.48
C PRO A 269 -4.33 26.42 7.18
N PRO A 270 -3.63 27.27 6.45
CA PRO A 270 -4.10 28.62 6.25
C PRO A 270 -5.21 28.62 5.21
N PRO A 271 -6.25 29.44 5.41
CA PRO A 271 -7.28 29.60 4.41
C PRO A 271 -6.63 29.93 3.08
N ILE A 272 -7.21 29.38 2.02
CA ILE A 272 -6.56 29.34 0.75
C ILE A 272 -6.35 30.77 0.23
N ALA A 273 -7.28 31.65 0.56
CA ALA A 273 -7.22 33.01 0.08
C ALA A 273 -5.93 33.72 0.62
N GLU A 274 -5.73 33.60 1.93
CA GLU A 274 -4.57 34.19 2.60
C GLU A 274 -3.34 33.58 2.00
N LEU A 275 -3.30 32.25 1.98
CA LEU A 275 -2.12 31.61 1.49
C LEU A 275 -1.76 32.18 0.13
N ALA A 276 -2.75 32.35 -0.71
CA ALA A 276 -2.53 32.67 -2.13
C ALA A 276 -2.04 34.11 -2.27
N ALA A 277 -2.68 35.02 -1.55
CA ALA A 277 -2.25 36.40 -1.49
C ALA A 277 -0.75 36.54 -1.16
N LYS A 278 -0.31 35.80 -0.09
CA LYS A 278 1.07 35.74 0.37
C LYS A 278 2.01 35.24 -0.68
N LEU A 279 1.73 34.07 -1.21
CA LEU A 279 2.56 33.54 -2.28
C LEU A 279 2.67 34.55 -3.43
N GLY A 280 1.59 35.24 -3.73
CA GLY A 280 1.62 36.12 -4.88
C GLY A 280 2.58 37.29 -4.64
N THR A 281 2.50 37.82 -3.41
CA THR A 281 3.41 38.83 -2.87
C THR A 281 4.87 38.39 -2.94
N ILE A 282 5.15 37.16 -2.52
CA ILE A 282 6.55 36.73 -2.45
C ILE A 282 7.07 36.37 -3.78
N VAL A 283 6.21 36.06 -4.71
CA VAL A 283 6.64 35.83 -6.08
C VAL A 283 6.96 37.16 -6.71
N SER A 284 6.16 38.19 -6.40
CA SER A 284 6.38 39.51 -6.98
C SER A 284 7.56 40.24 -6.32
N ASP A 285 7.68 40.20 -4.98
CA ASP A 285 8.87 40.75 -4.28
C ASP A 285 10.16 40.11 -4.76
N GLU A 286 10.13 38.83 -4.99
CA GLU A 286 11.33 38.05 -5.19
C GLU A 286 11.86 38.22 -6.60
N SER A 287 10.96 38.51 -7.53
CA SER A 287 11.32 38.65 -8.92
C SER A 287 11.72 40.10 -9.25
N THR A 288 11.07 41.04 -8.57
CA THR A 288 11.44 42.44 -8.67
C THR A 288 12.75 42.86 -8.04
N ALA A 289 13.02 42.45 -6.82
CA ALA A 289 14.32 42.35 -6.16
C ALA A 289 15.38 41.50 -6.81
N VAL A 290 15.18 41.10 -8.07
CA VAL A 290 16.17 40.64 -9.00
C VAL A 290 16.05 41.21 -10.41
N GLY A 291 15.18 42.19 -10.69
CA GLY A 291 15.15 42.92 -11.96
C GLY A 291 14.38 42.21 -13.07
N LEU A 292 13.19 41.76 -12.75
CA LEU A 292 12.50 40.82 -13.58
C LEU A 292 11.02 40.99 -13.39
N PRO A 293 10.26 40.96 -14.51
CA PRO A 293 8.78 41.07 -14.45
C PRO A 293 8.18 39.87 -13.68
N THR A 294 7.30 40.12 -12.70
CA THR A 294 6.67 39.01 -11.97
C THR A 294 6.04 37.93 -12.97
N PRO A 295 6.32 36.66 -12.78
CA PRO A 295 5.71 35.64 -13.63
C PRO A 295 4.38 35.20 -13.03
N LYS A 296 3.59 34.44 -13.75
CA LYS A 296 2.35 33.99 -13.17
C LYS A 296 2.63 32.84 -12.22
N LEU A 297 1.85 32.79 -11.16
CA LEU A 297 1.94 31.75 -10.15
C LEU A 297 0.98 30.59 -10.48
N VAL A 298 1.52 29.38 -10.52
CA VAL A 298 0.75 28.18 -10.68
C VAL A 298 0.98 27.24 -9.52
N VAL A 299 -0.10 26.70 -8.99
CA VAL A 299 0.01 25.65 -7.99
C VAL A 299 -0.70 24.40 -8.42
N GLU A 300 -0.41 23.29 -7.75
CA GLU A 300 -0.87 22.01 -8.16
C GLU A 300 -1.54 21.20 -7.05
N PRO A 301 -2.57 21.74 -6.41
CA PRO A 301 -3.23 21.07 -5.31
C PRO A 301 -3.80 19.71 -5.63
N GLY A 302 -3.58 18.76 -4.76
CA GLY A 302 -4.23 17.50 -4.87
C GLY A 302 -5.23 17.30 -3.75
N ARG A 303 -4.65 17.08 -2.60
CA ARG A 303 -5.32 16.82 -1.37
C ARG A 303 -6.23 17.92 -0.94
N ALA A 304 -5.84 19.19 -1.16
CA ALA A 304 -6.57 20.32 -0.57
C ALA A 304 -7.84 20.58 -1.34
N ILE A 305 -8.05 19.80 -2.38
CA ILE A 305 -9.28 19.79 -3.16
C ILE A 305 -10.11 18.53 -2.94
N ALA A 306 -9.46 17.41 -3.03
CA ALA A 306 -10.12 16.15 -2.98
C ALA A 306 -10.25 15.53 -1.53
N GLY A 307 -9.60 16.12 -0.53
CA GLY A 307 -9.44 15.41 0.74
C GLY A 307 -10.65 15.52 1.68
N PRO A 308 -10.97 16.73 2.09
CA PRO A 308 -12.00 16.98 3.08
C PRO A 308 -13.43 16.58 2.67
N GLY A 309 -13.72 16.66 1.40
CA GLY A 309 -15.02 16.39 0.90
C GLY A 309 -15.44 14.99 1.05
N THR A 310 -14.53 14.03 1.10
CA THR A 310 -14.96 12.70 1.19
C THR A 310 -14.57 11.98 2.54
N ILE A 311 -15.47 11.08 3.02
CA ILE A 311 -15.34 10.36 4.30
C ILE A 311 -15.54 8.88 4.03
N THR A 312 -15.05 8.03 4.88
CA THR A 312 -15.21 6.63 4.65
C THR A 312 -16.03 6.06 5.76
N LEU A 313 -17.06 5.27 5.39
CA LEU A 313 -18.10 4.80 6.30
C LEU A 313 -17.92 3.35 6.51
N TYR A 314 -17.85 2.98 7.76
CA TYR A 314 -17.58 1.62 8.13
C TYR A 314 -18.65 1.04 9.07
N GLU A 315 -18.69 -0.26 9.16
CA GLU A 315 -19.46 -0.94 10.15
C GLU A 315 -18.60 -1.67 11.22
N VAL A 316 -18.79 -1.30 12.47
CA VAL A 316 -18.20 -2.05 13.57
C VAL A 316 -18.64 -3.49 13.51
N GLY A 317 -17.67 -4.38 13.65
CA GLY A 317 -17.90 -5.81 13.53
C GLY A 317 -17.52 -6.52 14.84
N THR A 318 -16.45 -6.04 15.46
CA THR A 318 -15.90 -6.64 16.68
C THR A 318 -15.40 -5.52 17.64
N VAL A 319 -15.55 -5.75 18.92
CA VAL A 319 -15.13 -4.77 19.89
C VAL A 319 -14.43 -5.54 20.95
N LYS A 320 -13.13 -5.26 21.17
CA LYS A 320 -12.28 -6.06 22.10
C LYS A 320 -11.51 -5.16 23.01
N ASP A 321 -11.59 -5.45 24.29
CA ASP A 321 -10.91 -4.65 25.27
C ASP A 321 -9.56 -5.23 25.44
N VAL A 322 -8.50 -4.45 25.19
CA VAL A 322 -7.13 -4.97 25.29
C VAL A 322 -6.35 -4.26 26.39
N ASP A 323 -5.82 -5.04 27.31
CA ASP A 323 -5.01 -4.53 28.46
C ASP A 323 -3.62 -4.18 28.01
N VAL A 324 -3.22 -2.95 28.28
CA VAL A 324 -1.98 -2.37 27.82
C VAL A 324 -1.12 -1.91 28.94
N SER A 325 -1.62 -2.01 30.15
CA SER A 325 -0.78 -1.84 31.36
C SER A 325 -1.47 -2.48 32.49
N ALA A 326 -1.01 -2.25 33.69
CA ALA A 326 -1.51 -3.04 34.82
C ALA A 326 -2.85 -2.52 35.19
N THR A 327 -3.08 -1.27 34.87
CA THR A 327 -4.35 -0.60 35.16
C THR A 327 -5.18 -0.25 33.87
N ALA A 328 -4.49 0.19 32.81
CA ALA A 328 -5.14 0.73 31.60
C ALA A 328 -5.51 -0.31 30.47
N HIS A 329 -6.47 0.12 29.66
CA HIS A 329 -6.95 -0.65 28.55
C HIS A 329 -6.95 0.18 27.28
N ARG A 330 -7.13 -0.50 26.16
CA ARG A 330 -7.31 0.16 24.89
C ARG A 330 -8.42 -0.57 24.14
N ARG A 331 -9.43 0.17 23.75
CA ARG A 331 -10.60 -0.40 23.08
C ARG A 331 -10.29 -0.54 21.53
N TYR A 332 -10.02 -1.77 21.13
CA TYR A 332 -9.85 -2.10 19.75
C TYR A 332 -11.21 -2.32 19.05
N VAL A 333 -11.56 -1.41 18.15
CA VAL A 333 -12.79 -1.55 17.43
C VAL A 333 -12.51 -1.84 15.98
N SER A 334 -12.90 -3.06 15.59
CA SER A 334 -12.61 -3.61 14.31
C SER A 334 -13.73 -3.26 13.36
N VAL A 335 -13.35 -2.96 12.17
CA VAL A 335 -14.21 -2.41 11.25
C VAL A 335 -14.16 -3.23 9.90
N ASP A 336 -15.02 -2.81 9.03
CA ASP A 336 -15.38 -3.41 7.77
C ASP A 336 -14.24 -3.53 6.66
N GLY A 337 -13.22 -2.71 6.80
CA GLY A 337 -12.23 -2.58 5.79
C GLY A 337 -10.86 -2.67 6.34
N GLY A 338 -10.07 -1.61 6.18
CA GLY A 338 -8.68 -1.63 6.62
C GLY A 338 -7.60 -1.04 5.71
N MET A 339 -6.39 -1.54 5.87
CA MET A 339 -5.22 -1.06 5.09
C MET A 339 -5.42 -1.24 3.58
N SER A 340 -6.25 -2.18 3.19
CA SER A 340 -6.86 -2.20 1.82
C SER A 340 -7.54 -0.94 1.31
N ASP A 341 -8.24 -0.19 2.12
CA ASP A 341 -8.83 1.07 1.61
C ASP A 341 -8.24 2.34 2.24
N ASN A 342 -7.31 2.18 3.20
CA ASN A 342 -6.69 3.29 3.92
C ASN A 342 -5.35 2.82 4.53
N ILE A 343 -4.32 2.85 3.72
CA ILE A 343 -2.99 2.35 4.05
C ILE A 343 -2.22 3.52 4.68
N ARG A 344 -2.84 4.69 4.75
CA ARG A 344 -2.08 5.90 4.99
C ARG A 344 -1.50 5.86 6.36
N THR A 345 -2.27 5.28 7.29
CA THR A 345 -1.88 5.22 8.67
C THR A 345 -0.64 4.33 8.80
N ALA A 346 -0.69 3.14 8.23
CA ALA A 346 0.45 2.23 8.30
C ALA A 346 1.59 2.75 7.50
N LEU A 347 1.30 3.34 6.32
CA LEU A 347 2.35 3.68 5.34
C LEU A 347 3.11 5.05 5.68
N TYR A 348 2.38 6.08 6.10
CA TYR A 348 2.94 7.38 6.38
C TYR A 348 2.82 7.80 7.89
N GLY A 349 2.26 6.94 8.75
CA GLY A 349 1.97 7.34 10.09
C GLY A 349 0.96 8.49 10.13
N ALA A 350 -0.01 8.47 9.25
CA ALA A 350 -1.02 9.50 9.27
C ALA A 350 -1.93 9.36 10.50
N GLN A 351 -2.60 10.44 10.85
CA GLN A 351 -3.55 10.44 11.95
C GLN A 351 -4.90 10.96 11.43
N TYR A 352 -5.97 10.23 11.75
CA TYR A 352 -7.31 10.55 11.30
C TYR A 352 -8.23 10.85 12.48
N ASP A 353 -9.43 11.36 12.18
CA ASP A 353 -10.47 11.60 13.14
C ASP A 353 -11.59 10.57 12.86
N VAL A 354 -12.10 9.89 13.88
CA VAL A 354 -13.13 8.92 13.67
C VAL A 354 -14.31 9.22 14.57
N ARG A 355 -15.53 9.00 14.07
CA ARG A 355 -16.71 9.30 14.85
C ARG A 355 -17.90 8.35 14.68
N LEU A 356 -18.58 8.14 15.77
CA LEU A 356 -19.78 7.33 15.76
C LEU A 356 -20.84 8.11 15.05
N VAL A 357 -21.38 7.55 14.00
CA VAL A 357 -22.36 8.29 13.17
C VAL A 357 -23.80 7.69 13.06
N SER A 358 -24.00 6.43 13.47
CA SER A 358 -25.26 5.79 13.25
C SER A 358 -26.24 6.23 14.33
N ARG A 359 -25.72 6.84 15.40
CA ARG A 359 -26.56 7.33 16.48
C ARG A 359 -25.73 8.24 17.37
N VAL A 360 -26.38 8.83 18.38
CA VAL A 360 -25.69 9.60 19.42
C VAL A 360 -25.57 8.76 20.69
N SER A 361 -24.36 8.71 21.28
CA SER A 361 -24.15 7.99 22.54
C SER A 361 -23.95 8.92 23.76
N ASP A 362 -24.53 8.50 24.88
CA ASP A 362 -24.40 9.24 26.14
C ASP A 362 -23.25 8.64 26.99
N ALA A 363 -22.63 7.59 26.48
CA ALA A 363 -21.57 6.92 27.22
C ALA A 363 -20.31 7.70 27.18
N PRO A 364 -19.53 7.58 28.22
CA PRO A 364 -18.28 8.33 28.34
C PRO A 364 -17.21 7.89 27.33
N PRO A 365 -16.36 8.81 26.97
CA PRO A 365 -15.20 8.51 26.09
C PRO A 365 -14.17 7.54 26.71
N VAL A 366 -13.67 6.68 25.89
CA VAL A 366 -12.71 5.65 26.27
C VAL A 366 -11.58 5.63 25.17
N PRO A 367 -10.31 5.40 25.55
CA PRO A 367 -9.23 5.41 24.56
C PRO A 367 -9.28 4.17 23.67
N ALA A 368 -8.94 4.33 22.37
CA ALA A 368 -9.29 3.35 21.36
C ALA A 368 -8.36 3.27 20.17
N ARG A 369 -8.47 2.13 19.46
CA ARG A 369 -7.83 1.92 18.17
C ARG A 369 -8.84 1.37 17.16
N LEU A 370 -9.05 2.10 16.06
CA LEU A 370 -9.78 1.65 14.92
C LEU A 370 -8.89 0.84 14.07
N VAL A 371 -9.17 -0.43 14.04
CA VAL A 371 -8.44 -1.33 13.18
C VAL A 371 -9.33 -2.01 12.15
N GLY A 372 -8.69 -2.64 11.18
CA GLY A 372 -9.36 -3.27 10.07
C GLY A 372 -9.37 -4.77 10.22
N LYS A 373 -9.73 -5.48 9.15
CA LYS A 373 -9.94 -6.93 9.25
C LYS A 373 -8.92 -7.78 8.58
N HIS A 374 -7.80 -7.22 8.19
CA HIS A 374 -6.75 -7.97 7.56
C HIS A 374 -5.88 -8.73 8.55
N CYS A 375 -5.33 -9.88 8.12
CA CYS A 375 -4.48 -10.71 8.97
C CYS A 375 -3.11 -10.18 9.15
N GLU A 376 -3.02 -8.96 9.65
CA GLU A 376 -1.77 -8.31 9.94
C GLU A 376 -1.96 -7.30 11.09
N SER A 377 -1.11 -7.38 12.08
CA SER A 377 -1.29 -6.63 13.30
C SER A 377 -1.22 -5.15 13.02
N GLY A 378 -0.45 -4.77 11.97
CA GLY A 378 -0.30 -3.35 11.57
C GLY A 378 -1.48 -2.74 10.74
N ASP A 379 -2.43 -3.56 10.40
CA ASP A 379 -3.64 -3.14 9.73
C ASP A 379 -4.53 -2.28 10.68
N ILE A 380 -4.09 -1.04 10.89
CA ILE A 380 -4.70 -0.12 11.81
C ILE A 380 -5.10 1.08 10.99
N ILE A 381 -6.32 1.56 11.20
CA ILE A 381 -6.85 2.66 10.43
C ILE A 381 -6.67 3.94 11.15
N VAL A 382 -6.95 3.92 12.44
CA VAL A 382 -6.69 5.09 13.29
C VAL A 382 -6.05 4.62 14.55
N ARG A 383 -4.78 4.98 14.68
CA ARG A 383 -3.96 4.45 15.72
C ARG A 383 -4.49 4.90 17.10
N ASP A 384 -4.84 6.20 17.23
CA ASP A 384 -5.23 6.75 18.55
C ASP A 384 -6.44 7.66 18.55
N THR A 385 -7.51 7.19 19.20
CA THR A 385 -8.71 7.97 19.22
C THR A 385 -9.55 7.70 20.51
N TRP A 386 -10.74 8.27 20.57
CA TRP A 386 -11.67 8.00 21.60
C TRP A 386 -12.93 7.54 21.02
N VAL A 387 -13.65 6.74 21.77
CA VAL A 387 -14.77 6.03 21.29
C VAL A 387 -15.70 5.99 22.48
N PRO A 388 -17.01 6.09 22.25
CA PRO A 388 -17.95 5.96 23.35
C PRO A 388 -17.90 4.60 23.89
N ASP A 389 -18.10 4.51 25.20
CA ASP A 389 -17.89 3.27 25.92
C ASP A 389 -18.85 2.19 25.49
N ASP A 390 -19.93 2.59 24.88
CA ASP A 390 -20.95 1.65 24.49
C ASP A 390 -20.91 1.27 23.01
N ILE A 391 -19.80 1.58 22.36
CA ILE A 391 -19.60 1.22 20.96
C ILE A 391 -19.75 -0.24 20.83
N ARG A 392 -20.41 -0.67 19.77
CA ARG A 392 -20.84 -2.06 19.69
C ARG A 392 -21.08 -2.43 18.23
N PRO A 393 -21.03 -3.73 17.91
CA PRO A 393 -21.21 -4.21 16.51
C PRO A 393 -22.52 -3.78 15.99
N GLY A 394 -22.57 -3.42 14.71
CA GLY A 394 -23.73 -2.79 14.12
C GLY A 394 -23.64 -1.29 14.06
N ASP A 395 -22.85 -0.68 14.91
CA ASP A 395 -22.74 0.77 14.87
C ASP A 395 -22.01 1.16 13.61
N LEU A 396 -22.29 2.35 13.11
CA LEU A 396 -21.56 2.86 11.98
C LEU A 396 -20.62 4.02 12.40
N VAL A 397 -19.41 4.01 11.89
CA VAL A 397 -18.45 5.10 12.16
C VAL A 397 -17.95 5.63 10.86
N ALA A 398 -17.50 6.87 10.90
CA ALA A 398 -16.92 7.45 9.74
C ALA A 398 -15.54 8.01 10.08
N VAL A 399 -14.57 7.76 9.18
CA VAL A 399 -13.30 8.44 9.19
C VAL A 399 -13.28 9.58 8.22
N ALA A 400 -12.91 10.75 8.72
CA ALA A 400 -12.88 11.96 7.94
C ALA A 400 -11.65 12.09 7.04
N ALA A 401 -11.84 12.86 5.99
CA ALA A 401 -10.76 13.32 5.10
C ALA A 401 -10.07 12.17 4.39
N THR A 402 -10.87 11.27 3.80
CA THR A 402 -10.30 10.13 3.12
C THR A 402 -10.38 10.25 1.64
N GLY A 403 -10.62 11.46 1.15
CA GLY A 403 -10.85 11.63 -0.27
C GLY A 403 -9.58 11.70 -1.13
N ALA A 404 -8.46 11.92 -0.46
CA ALA A 404 -7.18 12.01 -1.13
C ALA A 404 -6.30 10.95 -0.65
N TYR A 405 -5.86 10.19 -1.60
CA TYR A 405 -4.81 9.21 -1.45
C TYR A 405 -5.26 7.89 -0.93
N CYS A 406 -6.44 7.82 -0.37
CA CYS A 406 -6.91 6.53 0.15
C CYS A 406 -7.33 5.48 -0.92
N TYR A 407 -8.36 5.81 -1.72
CA TYR A 407 -8.81 4.93 -2.78
C TYR A 407 -7.69 4.68 -3.84
N SER A 408 -6.94 5.75 -4.23
CA SER A 408 -5.82 5.62 -5.23
C SER A 408 -4.81 4.64 -4.78
N LEU A 409 -4.67 4.43 -3.47
CA LEU A 409 -3.67 3.48 -2.95
C LEU A 409 -4.27 2.14 -2.59
N SER A 410 -5.59 2.01 -2.79
CA SER A 410 -6.36 0.83 -2.36
C SER A 410 -5.83 -0.39 -3.01
N SER A 411 -5.84 -1.51 -2.30
CA SER A 411 -5.36 -2.76 -2.80
C SER A 411 -6.40 -3.89 -2.57
N ARG A 412 -6.02 -5.13 -2.92
CA ARG A 412 -6.85 -6.30 -2.65
C ARG A 412 -6.10 -7.21 -1.69
N TYR A 413 -5.51 -6.60 -0.67
CA TYR A 413 -4.87 -7.38 0.36
C TYR A 413 -5.87 -8.33 1.03
N ASN A 414 -5.46 -9.59 1.15
CA ASN A 414 -6.30 -10.62 1.70
C ASN A 414 -7.55 -10.76 0.90
N MET A 415 -7.50 -10.44 -0.39
CA MET A 415 -8.64 -10.53 -1.32
C MET A 415 -9.82 -9.72 -0.84
N VAL A 416 -9.54 -8.49 -0.43
CA VAL A 416 -10.61 -7.61 -0.04
C VAL A 416 -10.86 -6.60 -1.16
N GLY A 417 -12.01 -6.66 -1.78
CA GLY A 417 -12.27 -5.80 -2.94
C GLY A 417 -12.38 -4.34 -2.60
N ARG A 418 -12.38 -3.47 -3.59
CA ARG A 418 -12.39 -2.09 -3.31
C ARG A 418 -13.76 -1.73 -2.83
N PRO A 419 -13.88 -0.82 -1.92
CA PRO A 419 -15.19 -0.32 -1.58
C PRO A 419 -15.82 0.47 -2.69
N ALA A 420 -17.14 0.57 -2.62
CA ALA A 420 -17.90 1.39 -3.55
C ALA A 420 -17.68 2.82 -3.20
N VAL A 421 -17.90 3.68 -4.15
CA VAL A 421 -17.77 5.09 -3.97
C VAL A 421 -19.06 5.69 -4.46
N VAL A 422 -19.57 6.68 -3.76
CA VAL A 422 -20.81 7.23 -4.04
C VAL A 422 -20.66 8.71 -3.91
N ALA A 423 -21.43 9.47 -4.69
CA ALA A 423 -21.45 10.94 -4.54
C ALA A 423 -22.79 11.39 -4.09
N VAL A 424 -22.81 12.41 -3.26
CA VAL A 424 -24.05 12.94 -2.76
C VAL A 424 -24.08 14.48 -2.96
N HIS A 425 -25.23 14.96 -3.39
CA HIS A 425 -25.36 16.29 -3.82
C HIS A 425 -26.80 16.72 -3.68
N ALA A 426 -27.01 17.82 -2.95
CA ALA A 426 -28.36 18.38 -2.74
C ALA A 426 -29.49 17.31 -2.58
N GLY A 427 -29.24 16.27 -1.78
CA GLY A 427 -30.27 15.36 -1.35
C GLY A 427 -30.18 14.02 -2.05
N ASN A 428 -29.22 13.86 -2.96
CA ASN A 428 -29.28 12.75 -3.90
C ASN A 428 -27.99 12.04 -4.01
N ALA A 429 -28.01 10.75 -3.85
CA ALA A 429 -26.84 10.01 -3.87
C ALA A 429 -26.77 9.27 -5.14
N ARG A 430 -25.60 8.95 -5.58
CA ARG A 430 -25.49 8.18 -6.77
C ARG A 430 -24.18 7.38 -6.83
N LEU A 431 -24.24 6.12 -7.20
CA LEU A 431 -23.06 5.31 -7.27
C LEU A 431 -22.13 5.87 -8.34
N VAL A 432 -20.86 6.09 -8.02
CA VAL A 432 -19.90 6.50 -9.02
C VAL A 432 -18.98 5.37 -9.37
N LEU A 433 -18.49 4.66 -8.35
CA LEU A 433 -17.63 3.55 -8.57
C LEU A 433 -18.14 2.40 -7.81
N ARG A 434 -18.63 1.46 -8.51
CA ARG A 434 -19.17 0.33 -7.82
C ARG A 434 -18.13 -0.50 -7.09
N ARG A 435 -18.60 -1.33 -6.20
CA ARG A 435 -17.81 -2.12 -5.32
C ARG A 435 -17.34 -3.40 -6.06
N GLU A 436 -16.10 -3.80 -5.83
CA GLU A 436 -15.57 -4.99 -6.47
C GLU A 436 -16.23 -6.21 -5.93
N THR A 437 -16.22 -7.26 -6.70
CA THR A 437 -16.87 -8.50 -6.38
C THR A 437 -15.86 -9.55 -6.62
N VAL A 438 -16.22 -10.75 -6.25
CA VAL A 438 -15.40 -11.91 -6.42
C VAL A 438 -14.98 -12.19 -7.87
N ASP A 439 -15.91 -11.95 -8.81
CA ASP A 439 -15.55 -12.05 -10.22
C ASP A 439 -14.35 -11.11 -10.58
N ASP A 440 -14.40 -9.84 -10.13
CA ASP A 440 -13.24 -8.91 -10.25
C ASP A 440 -11.95 -9.54 -9.68
N LEU A 441 -12.04 -10.07 -8.48
CA LEU A 441 -10.90 -10.73 -7.89
C LEU A 441 -10.29 -11.80 -8.77
N LEU A 442 -11.11 -12.44 -9.58
CA LEU A 442 -10.65 -13.54 -10.41
C LEU A 442 -10.44 -13.15 -11.87
N SER A 443 -10.84 -11.93 -12.26
CA SER A 443 -10.85 -11.51 -13.64
C SER A 443 -9.48 -11.59 -14.34
N LEU A 444 -8.39 -11.48 -13.60
CA LEU A 444 -7.06 -11.60 -14.22
C LEU A 444 -6.63 -13.03 -14.39
N GLU A 445 -7.25 -13.92 -13.67
CA GLU A 445 -6.85 -15.31 -13.68
C GLU A 445 -7.13 -15.91 -15.06
N VAL A 446 -6.12 -16.54 -15.60
CA VAL A 446 -6.17 -17.04 -16.92
C VAL A 446 -6.22 -18.60 -16.86
N ARG A 447 -7.39 -19.12 -17.16
CA ARG A 447 -7.57 -20.53 -17.52
C ARG A 447 -7.41 -20.68 -19.11
N ASN B 2 31.26 -7.87 -12.51
CA ASN B 2 32.24 -8.76 -11.91
C ASN B 2 31.76 -9.28 -10.57
N GLU B 3 31.39 -8.43 -9.55
CA GLU B 3 30.84 -8.87 -8.18
C GLU B 3 29.32 -8.63 -8.01
N LEU B 4 28.79 -7.67 -8.78
CA LEU B 4 27.36 -7.52 -8.99
C LEU B 4 26.87 -8.62 -9.91
N LEU B 5 27.67 -9.69 -9.99
CA LEU B 5 27.49 -10.72 -11.01
C LEU B 5 27.00 -11.98 -10.36
N HIS B 6 27.64 -12.32 -9.22
CA HIS B 6 27.24 -13.45 -8.38
C HIS B 6 25.77 -13.29 -7.88
N LEU B 7 24.96 -14.33 -8.13
CA LEU B 7 23.56 -14.38 -7.69
C LEU B 7 23.50 -15.36 -6.52
N ALA B 8 23.51 -14.83 -5.29
CA ALA B 8 23.59 -15.68 -4.12
C ALA B 8 22.50 -16.76 -4.18
N PRO B 9 22.88 -17.96 -3.91
CA PRO B 9 21.95 -19.10 -4.01
C PRO B 9 20.83 -19.10 -2.92
N ASN B 10 21.12 -18.52 -1.77
CA ASN B 10 20.14 -18.42 -0.66
C ASN B 10 19.05 -17.35 -0.91
N VAL B 11 19.31 -16.46 -1.86
CA VAL B 11 18.41 -15.35 -2.17
C VAL B 11 17.58 -15.52 -3.46
N TRP B 12 18.18 -16.04 -4.52
CA TRP B 12 17.46 -16.13 -5.82
C TRP B 12 16.83 -17.48 -5.91
N PRO B 13 15.88 -17.64 -6.81
CA PRO B 13 15.16 -18.89 -6.92
C PRO B 13 16.12 -20.03 -7.16
N ARG B 14 15.74 -21.23 -6.79
CA ARG B 14 16.67 -22.39 -6.75
C ARG B 14 17.13 -22.84 -8.13
N ASN B 15 16.34 -22.55 -9.14
CA ASN B 15 16.63 -22.90 -10.51
C ASN B 15 17.18 -21.74 -11.31
N THR B 16 18.06 -20.95 -10.71
CA THR B 16 18.54 -19.76 -11.40
C THR B 16 19.88 -20.08 -11.98
N THR B 17 20.15 -19.61 -13.20
CA THR B 17 21.42 -19.89 -13.91
C THR B 17 21.86 -18.72 -14.77
N ARG B 18 23.09 -18.78 -15.26
CA ARG B 18 23.59 -17.84 -16.29
C ARG B 18 23.76 -18.51 -17.68
N ASP B 19 23.14 -17.94 -18.71
CA ASP B 19 23.47 -18.20 -20.14
C ASP B 19 24.95 -18.36 -20.46
N GLU B 20 25.21 -18.95 -21.62
CA GLU B 20 26.55 -18.79 -22.30
C GLU B 20 26.91 -17.31 -22.69
N VAL B 21 25.90 -16.51 -23.14
CA VAL B 21 26.05 -15.03 -23.35
C VAL B 21 25.78 -14.11 -22.07
N GLY B 22 25.79 -14.78 -20.87
CA GLY B 22 25.71 -14.11 -19.55
C GLY B 22 24.36 -13.45 -19.16
N VAL B 23 23.25 -14.04 -19.66
CA VAL B 23 21.87 -13.58 -19.33
C VAL B 23 21.30 -14.52 -18.28
N VAL B 24 20.54 -13.96 -17.33
CA VAL B 24 20.00 -14.77 -16.24
C VAL B 24 18.77 -15.56 -16.70
N CYS B 25 18.72 -16.80 -16.27
CA CYS B 25 17.65 -17.67 -16.60
C CYS B 25 17.05 -18.32 -15.35
N ILE B 26 15.79 -18.63 -15.50
CA ILE B 26 14.97 -19.29 -14.48
C ILE B 26 14.39 -20.60 -15.02
N ALA B 27 14.74 -21.71 -14.41
CA ALA B 27 14.31 -23.02 -14.89
C ALA B 27 14.60 -23.17 -16.37
N GLY B 28 15.53 -22.38 -16.85
CA GLY B 28 16.06 -22.57 -18.16
C GLY B 28 15.59 -21.56 -19.19
N ILE B 29 14.75 -20.61 -18.82
CA ILE B 29 14.33 -19.58 -19.74
C ILE B 29 15.10 -18.29 -19.43
N PRO B 30 15.87 -17.81 -20.40
CA PRO B 30 16.52 -16.51 -20.26
C PRO B 30 15.49 -15.45 -19.94
N LEU B 31 15.86 -14.51 -19.08
CA LEU B 31 14.87 -13.57 -18.52
C LEU B 31 14.48 -12.60 -19.57
N THR B 32 15.44 -12.33 -20.43
CA THR B 32 15.26 -11.39 -21.47
C THR B 32 14.19 -11.89 -22.45
N GLN B 33 14.12 -13.20 -22.59
CA GLN B 33 13.11 -13.82 -23.46
C GLN B 33 11.73 -13.65 -22.86
N LEU B 34 11.65 -14.02 -21.59
CA LEU B 34 10.46 -13.79 -20.78
C LEU B 34 9.97 -12.33 -20.87
N ALA B 35 10.88 -11.39 -20.90
CA ALA B 35 10.50 -9.99 -21.00
C ALA B 35 9.84 -9.65 -22.34
N GLN B 36 10.37 -10.18 -23.46
CA GLN B 36 9.83 -9.75 -24.79
C GLN B 36 8.42 -10.32 -25.08
N GLU B 37 8.13 -11.55 -24.64
CA GLU B 37 6.74 -12.09 -24.84
C GLU B 37 5.74 -11.44 -23.94
N TYR B 38 6.08 -11.38 -22.65
CA TYR B 38 5.07 -11.08 -21.64
C TYR B 38 5.13 -9.62 -21.23
N GLY B 39 6.26 -8.95 -21.51
CA GLY B 39 6.44 -7.52 -21.16
C GLY B 39 6.95 -7.36 -19.72
N THR B 40 7.26 -6.14 -19.36
CA THR B 40 7.61 -5.82 -17.98
C THR B 40 6.81 -4.61 -17.57
N PRO B 41 6.60 -4.37 -16.26
CA PRO B 41 7.03 -5.23 -15.13
C PRO B 41 6.48 -6.64 -15.12
N LEU B 42 7.24 -7.60 -14.60
CA LEU B 42 6.81 -9.00 -14.66
C LEU B 42 7.25 -9.82 -13.44
N PHE B 43 6.31 -10.60 -12.88
CA PHE B 43 6.58 -11.53 -11.82
C PHE B 43 6.91 -12.85 -12.43
N VAL B 44 8.06 -13.39 -12.16
CA VAL B 44 8.39 -14.68 -12.68
C VAL B 44 8.44 -15.63 -11.56
N ILE B 45 7.57 -16.61 -11.57
CA ILE B 45 7.57 -17.60 -10.49
C ILE B 45 8.29 -18.89 -10.90
N ASP B 46 9.34 -19.25 -10.18
CA ASP B 46 9.99 -20.56 -10.35
C ASP B 46 9.13 -21.62 -9.74
N GLU B 47 8.12 -22.10 -10.47
CA GLU B 47 7.12 -23.08 -9.91
C GLU B 47 7.78 -24.17 -9.11
N ASP B 48 8.93 -24.61 -9.57
CA ASP B 48 9.55 -25.76 -8.94
C ASP B 48 10.27 -25.46 -7.63
N ASP B 49 10.82 -24.28 -7.51
CA ASP B 49 11.28 -23.74 -6.21
C ASP B 49 10.11 -23.80 -5.17
N PHE B 50 8.94 -23.34 -5.59
CA PHE B 50 7.76 -23.29 -4.72
C PHE B 50 7.41 -24.67 -4.20
N ARG B 51 7.29 -25.65 -5.11
CA ARG B 51 6.87 -27.02 -4.74
C ARG B 51 7.93 -27.63 -3.91
N SER B 52 9.11 -27.26 -4.26
CA SER B 52 10.28 -27.67 -3.54
C SER B 52 10.24 -27.16 -2.08
N ARG B 53 9.77 -25.96 -1.93
CA ARG B 53 9.67 -25.35 -0.63
C ARG B 53 8.59 -26.04 0.17
N CYS B 54 7.42 -26.26 -0.46
CA CYS B 54 6.33 -27.06 0.16
C CYS B 54 6.82 -28.44 0.67
N ARG B 55 7.54 -29.21 -0.18
CA ARG B 55 7.93 -30.63 0.18
C ARG B 55 8.86 -30.71 1.38
N GLU B 56 9.78 -29.75 1.43
CA GLU B 56 10.81 -29.68 2.45
C GLU B 56 10.26 -29.38 3.83
N THR B 57 9.39 -28.36 3.87
CA THR B 57 8.74 -27.96 5.08
C THR B 57 7.86 -29.08 5.58
N ALA B 58 7.04 -29.62 4.68
CA ALA B 58 6.23 -30.80 4.96
C ALA B 58 7.06 -31.87 5.60
N ALA B 59 8.21 -32.17 5.03
CA ALA B 59 9.00 -33.29 5.52
C ALA B 59 9.50 -33.02 6.94
N ALA B 60 9.99 -31.80 7.16
CA ALA B 60 10.53 -31.37 8.46
C ALA B 60 9.51 -31.50 9.62
N PHE B 61 8.33 -31.00 9.42
CA PHE B 61 7.31 -31.07 10.47
C PHE B 61 6.45 -32.37 10.40
N GLY B 62 6.95 -33.42 9.74
CA GLY B 62 6.29 -34.73 9.76
C GLY B 62 5.34 -35.02 8.63
N SER B 63 4.59 -34.03 8.17
CA SER B 63 3.56 -34.25 7.13
C SER B 63 3.04 -32.93 6.58
N GLY B 64 2.43 -32.95 5.42
CA GLY B 64 1.82 -31.74 4.88
C GLY B 64 0.64 -31.21 5.71
N ALA B 65 0.12 -32.08 6.56
CA ALA B 65 -1.02 -31.73 7.39
C ALA B 65 -0.62 -30.75 8.46
N ASN B 66 0.65 -30.80 8.83
CA ASN B 66 1.22 -29.89 9.84
C ASN B 66 1.75 -28.55 9.28
N VAL B 67 1.56 -28.30 7.98
CA VAL B 67 1.99 -27.07 7.38
C VAL B 67 0.86 -26.49 6.64
N HIS B 68 0.41 -25.35 7.09
CA HIS B 68 -0.64 -24.58 6.47
C HIS B 68 0.00 -23.40 5.74
N TYR B 69 -0.34 -23.20 4.48
CA TYR B 69 0.27 -22.12 3.73
C TYR B 69 -0.56 -20.90 3.90
N ALA B 70 0.12 -19.78 4.08
CA ALA B 70 -0.58 -18.55 4.43
C ALA B 70 -0.94 -17.78 3.16
N ALA B 71 -2.17 -17.89 2.74
CA ALA B 71 -2.64 -17.32 1.50
C ALA B 71 -2.28 -15.86 1.37
N LYS B 72 -2.37 -15.12 2.49
CA LYS B 72 -2.20 -13.68 2.47
C LYS B 72 -0.87 -13.31 1.77
N ALA B 73 0.11 -14.22 1.77
CA ALA B 73 1.41 -13.98 1.14
C ALA B 73 1.31 -13.90 -0.39
N PHE B 74 0.54 -14.81 -0.96
CA PHE B 74 0.18 -14.75 -2.37
C PHE B 74 -0.80 -15.85 -2.66
N LEU B 75 -1.89 -15.48 -3.32
CA LEU B 75 -2.93 -16.41 -3.64
C LEU B 75 -3.57 -16.13 -5.03
N CYS B 76 -3.77 -17.23 -5.76
CA CYS B 76 -4.61 -17.29 -6.96
C CYS B 76 -4.94 -18.82 -7.13
N SER B 77 -5.95 -19.15 -7.96
CA SER B 77 -6.32 -20.56 -8.21
C SER B 77 -5.12 -21.45 -8.53
N GLU B 78 -4.24 -20.96 -9.38
CA GLU B 78 -3.11 -21.76 -9.73
C GLU B 78 -2.30 -22.16 -8.46
N VAL B 79 -2.03 -21.18 -7.59
CA VAL B 79 -1.26 -21.48 -6.38
C VAL B 79 -2.06 -22.40 -5.47
N ALA B 80 -3.36 -22.15 -5.39
CA ALA B 80 -4.22 -23.00 -4.57
C ALA B 80 -4.06 -24.46 -4.97
N ARG B 81 -4.15 -24.68 -6.25
CA ARG B 81 -3.92 -25.99 -6.84
C ARG B 81 -2.54 -26.56 -6.47
N TRP B 82 -1.48 -25.74 -6.46
CA TRP B 82 -0.15 -26.32 -6.14
C TRP B 82 -0.13 -26.81 -4.69
N ILE B 83 -0.59 -25.94 -3.77
CA ILE B 83 -0.59 -26.26 -2.34
C ILE B 83 -1.33 -27.54 -2.11
N SER B 84 -2.55 -27.59 -2.65
CA SER B 84 -3.38 -28.80 -2.64
C SER B 84 -2.64 -30.00 -3.12
N GLU B 85 -2.04 -29.94 -4.30
CA GLU B 85 -1.35 -31.09 -4.84
C GLU B 85 -0.22 -31.51 -3.97
N GLU B 86 0.42 -30.56 -3.26
CA GLU B 86 1.59 -30.91 -2.45
C GLU B 86 1.20 -31.48 -1.10
N GLY B 87 -0.10 -31.48 -0.81
CA GLY B 87 -0.56 -32.15 0.38
C GLY B 87 -0.48 -31.29 1.62
N LEU B 88 -0.54 -29.96 1.46
CA LEU B 88 -0.52 -29.03 2.62
C LEU B 88 -1.86 -28.50 2.85
N CYS B 89 -2.03 -27.90 3.98
CA CYS B 89 -3.22 -27.14 4.25
C CYS B 89 -3.09 -25.70 3.82
N LEU B 90 -4.18 -24.97 3.90
CA LEU B 90 -4.30 -23.59 3.47
C LEU B 90 -5.06 -22.71 4.49
N ASP B 91 -4.44 -21.61 4.92
CA ASP B 91 -5.06 -20.63 5.83
C ASP B 91 -5.61 -19.52 5.04
N VAL B 92 -6.88 -19.25 5.22
CA VAL B 92 -7.48 -18.11 4.60
C VAL B 92 -7.97 -17.18 5.66
N CYS B 93 -8.15 -15.94 5.28
CA CYS B 93 -8.27 -14.89 6.22
C CYS B 93 -9.61 -14.10 6.05
N THR B 94 -10.03 -13.78 4.87
CA THR B 94 -11.35 -13.20 4.75
C THR B 94 -12.25 -14.02 3.87
N GLY B 95 -13.42 -13.45 3.55
CA GLY B 95 -14.36 -14.09 2.64
C GLY B 95 -13.78 -14.32 1.25
N GLY B 96 -13.23 -13.27 0.67
CA GLY B 96 -12.59 -13.37 -0.63
C GLY B 96 -11.52 -14.43 -0.68
N GLU B 97 -10.65 -14.52 0.35
CA GLU B 97 -9.63 -15.61 0.33
C GLU B 97 -10.29 -17.06 0.32
N LEU B 98 -11.33 -17.23 1.10
CA LEU B 98 -12.09 -18.46 1.12
C LEU B 98 -12.70 -18.72 -0.31
N ALA B 99 -13.23 -17.69 -0.93
CA ALA B 99 -13.91 -17.84 -2.20
C ALA B 99 -12.95 -18.33 -3.28
N VAL B 100 -11.89 -17.62 -3.49
CA VAL B 100 -10.91 -18.08 -4.42
C VAL B 100 -10.46 -19.51 -4.15
N ALA B 101 -10.25 -19.87 -2.89
CA ALA B 101 -9.75 -21.23 -2.65
C ALA B 101 -10.83 -22.26 -3.06
N LEU B 102 -12.06 -21.88 -2.84
CA LEU B 102 -13.19 -22.75 -3.11
C LEU B 102 -13.36 -22.93 -4.65
N HIS B 103 -13.41 -21.81 -5.34
CA HIS B 103 -13.40 -21.77 -6.78
C HIS B 103 -12.30 -22.63 -7.36
N ALA B 104 -11.14 -22.65 -6.72
CA ALA B 104 -10.06 -23.49 -7.19
C ALA B 104 -10.22 -24.92 -6.68
N SER B 105 -11.43 -25.20 -6.21
CA SER B 105 -11.81 -26.37 -5.36
C SER B 105 -10.72 -27.02 -4.54
N PHE B 106 -10.15 -26.19 -3.66
CA PHE B 106 -9.29 -26.64 -2.63
C PHE B 106 -10.17 -27.41 -1.56
N PRO B 107 -9.68 -28.55 -1.09
CA PRO B 107 -10.41 -29.40 -0.15
C PRO B 107 -10.60 -28.66 1.16
N PRO B 108 -11.86 -28.42 1.51
CA PRO B 108 -12.20 -27.60 2.67
C PRO B 108 -11.73 -28.20 4.02
N GLU B 109 -11.73 -29.51 4.19
CA GLU B 109 -11.18 -30.13 5.45
C GLU B 109 -9.82 -29.57 5.80
N ARG B 110 -9.15 -29.07 4.77
CA ARG B 110 -7.76 -28.75 4.82
C ARG B 110 -7.55 -27.25 4.87
N ILE B 111 -8.64 -26.49 4.93
CA ILE B 111 -8.60 -25.07 5.05
C ILE B 111 -8.80 -24.71 6.49
N THR B 112 -8.21 -23.55 6.90
CA THR B 112 -8.38 -23.02 8.25
C THR B 112 -8.66 -21.57 8.14
N LEU B 113 -9.70 -21.09 8.79
CA LEU B 113 -10.12 -19.68 8.66
C LEU B 113 -9.53 -18.88 9.82
N HIS B 114 -8.90 -17.74 9.47
CA HIS B 114 -8.33 -16.79 10.44
C HIS B 114 -9.02 -15.49 10.30
N GLY B 115 -8.85 -14.65 11.29
CA GLY B 115 -9.28 -13.27 11.17
C GLY B 115 -9.71 -12.67 12.49
N ASN B 116 -9.46 -11.37 12.65
CA ASN B 116 -9.81 -10.64 13.85
C ASN B 116 -11.23 -10.06 13.87
N ASN B 117 -11.92 -10.19 12.76
CA ASN B 117 -13.25 -9.54 12.61
C ASN B 117 -14.04 -10.29 11.59
N LYS B 118 -14.18 -11.58 11.79
CA LYS B 118 -14.91 -12.35 10.88
C LYS B 118 -16.43 -11.89 10.89
N SER B 119 -17.05 -11.85 9.71
CA SER B 119 -18.43 -11.40 9.65
C SER B 119 -19.33 -12.62 9.76
N VAL B 120 -20.59 -12.39 10.14
CA VAL B 120 -21.54 -13.45 10.20
C VAL B 120 -21.57 -14.17 8.87
N SER B 121 -21.67 -13.44 7.73
CA SER B 121 -21.69 -14.12 6.40
C SER B 121 -20.44 -14.97 6.15
N GLU B 122 -19.26 -14.47 6.53
CA GLU B 122 -18.02 -15.20 6.29
C GLU B 122 -17.99 -16.48 7.05
N LEU B 123 -18.42 -16.46 8.30
CA LEU B 123 -18.44 -17.67 9.14
C LEU B 123 -19.56 -18.67 8.62
N THR B 124 -20.70 -18.10 8.26
CA THR B 124 -21.77 -18.87 7.63
C THR B 124 -21.27 -19.63 6.42
N ALA B 125 -20.56 -18.94 5.50
CA ALA B 125 -20.02 -19.59 4.28
C ALA B 125 -19.02 -20.68 4.58
N ALA B 126 -18.29 -20.53 5.66
CA ALA B 126 -17.22 -21.42 5.95
C ALA B 126 -17.74 -22.71 6.51
N VAL B 127 -18.76 -22.63 7.39
CA VAL B 127 -19.47 -23.87 7.83
C VAL B 127 -20.23 -24.60 6.68
N LYS B 128 -20.89 -23.83 5.82
CA LYS B 128 -21.50 -24.39 4.59
C LYS B 128 -20.49 -25.20 3.71
N ALA B 129 -19.29 -24.63 3.50
CA ALA B 129 -18.28 -25.29 2.67
C ALA B 129 -17.62 -26.44 3.40
N GLY B 130 -17.81 -26.50 4.70
CA GLY B 130 -17.25 -27.59 5.49
C GLY B 130 -15.79 -27.36 5.77
N VAL B 131 -15.48 -26.17 6.32
CA VAL B 131 -14.14 -25.65 6.36
C VAL B 131 -13.22 -26.40 7.35
N GLY B 132 -13.69 -26.82 8.48
CA GLY B 132 -12.89 -27.85 9.15
C GLY B 132 -12.10 -27.35 10.29
N HIS B 133 -11.51 -26.17 10.17
CA HIS B 133 -10.89 -25.49 11.34
C HIS B 133 -11.13 -23.99 11.30
N ILE B 134 -11.50 -23.42 12.40
CA ILE B 134 -11.59 -21.97 12.50
C ILE B 134 -10.92 -21.52 13.77
N VAL B 135 -9.98 -20.57 13.64
CA VAL B 135 -9.23 -20.05 14.78
C VAL B 135 -9.96 -18.82 15.28
N VAL B 136 -10.54 -18.92 16.49
CA VAL B 136 -11.42 -17.85 17.02
C VAL B 136 -10.61 -16.77 17.74
N ASP B 137 -11.08 -15.53 17.68
CA ASP B 137 -10.27 -14.37 18.04
C ASP B 137 -10.93 -13.46 19.08
N SER B 138 -12.23 -13.61 19.24
CA SER B 138 -12.98 -12.88 20.27
C SER B 138 -14.11 -13.72 20.88
N MET B 139 -14.60 -13.27 21.99
CA MET B 139 -15.79 -13.84 22.58
C MET B 139 -17.03 -13.65 21.64
N THR B 140 -17.12 -12.49 20.96
CA THR B 140 -18.16 -12.27 20.00
C THR B 140 -18.11 -13.29 18.88
N GLU B 141 -16.94 -13.60 18.35
CA GLU B 141 -16.84 -14.65 17.33
C GLU B 141 -17.33 -16.02 17.85
N ILE B 142 -17.07 -16.32 19.12
CA ILE B 142 -17.51 -17.59 19.71
C ILE B 142 -19.05 -17.70 19.70
N GLU B 143 -19.73 -16.61 20.08
CA GLU B 143 -21.18 -16.63 20.13
C GLU B 143 -21.70 -16.83 18.69
N ARG B 144 -21.30 -15.93 17.82
CA ARG B 144 -21.61 -16.00 16.39
C ARG B 144 -21.34 -17.39 15.80
N LEU B 145 -20.17 -17.94 16.02
CA LEU B 145 -19.81 -19.22 15.38
C LEU B 145 -20.69 -20.36 15.87
N ASP B 146 -20.78 -20.49 17.20
CA ASP B 146 -21.53 -21.53 17.80
C ASP B 146 -22.98 -21.53 17.31
N ALA B 147 -23.59 -20.36 17.19
CA ALA B 147 -24.92 -20.32 16.64
C ALA B 147 -24.86 -20.85 15.22
N ILE B 148 -23.95 -20.38 14.44
CA ILE B 148 -23.96 -20.74 13.03
C ILE B 148 -23.77 -22.25 12.83
N ALA B 149 -23.01 -22.89 13.71
CA ALA B 149 -22.72 -24.31 13.58
C ALA B 149 -23.99 -25.17 13.96
N GLY B 150 -24.79 -24.62 14.87
CA GLY B 150 -25.95 -25.29 15.43
C GLY B 150 -27.08 -25.25 14.44
N GLU B 151 -27.31 -24.10 13.89
CA GLU B 151 -28.20 -23.99 12.77
C GLU B 151 -27.87 -24.93 11.59
N ALA B 152 -26.61 -25.28 11.40
CA ALA B 152 -26.20 -26.11 10.26
C ALA B 152 -26.13 -27.57 10.65
N GLY B 153 -26.37 -27.84 11.93
CA GLY B 153 -26.38 -29.18 12.45
C GLY B 153 -25.03 -29.82 12.66
N ILE B 154 -23.96 -29.03 12.75
CA ILE B 154 -22.60 -29.64 12.95
C ILE B 154 -21.88 -29.17 14.23
N VAL B 155 -20.75 -29.83 14.52
CA VAL B 155 -19.85 -29.40 15.57
C VAL B 155 -18.50 -28.97 14.95
N GLN B 156 -18.32 -27.65 14.86
CA GLN B 156 -17.14 -27.00 14.24
C GLN B 156 -15.93 -27.03 15.11
N ASP B 157 -14.89 -27.69 14.68
CA ASP B 157 -13.64 -27.67 15.36
C ASP B 157 -12.99 -26.28 15.24
N VAL B 158 -12.23 -25.93 16.26
CA VAL B 158 -12.01 -24.57 16.65
C VAL B 158 -10.71 -24.56 17.47
N LEU B 159 -9.85 -23.56 17.23
CA LEU B 159 -8.67 -23.27 18.09
C LEU B 159 -8.79 -21.86 18.55
N VAL B 160 -8.14 -21.52 19.64
CA VAL B 160 -8.22 -20.19 20.14
C VAL B 160 -6.91 -19.43 19.86
N ARG B 161 -7.01 -18.19 19.36
CA ARG B 161 -5.77 -17.42 19.18
C ARG B 161 -5.33 -16.79 20.49
N LEU B 162 -4.09 -17.03 20.87
CA LEU B 162 -3.56 -16.50 22.12
C LEU B 162 -2.63 -15.33 21.87
N THR B 163 -2.49 -14.51 22.86
CA THR B 163 -1.47 -13.51 22.95
C THR B 163 -0.57 -13.87 24.16
N VAL B 164 0.66 -14.24 23.91
CA VAL B 164 1.54 -14.68 24.96
C VAL B 164 2.62 -13.66 25.28
N GLY B 165 2.52 -12.47 24.75
CA GLY B 165 3.51 -11.42 25.03
C GLY B 165 4.93 -11.59 24.41
N VAL B 166 5.03 -12.33 23.33
CA VAL B 166 6.28 -12.46 22.62
C VAL B 166 6.17 -11.83 21.22
N GLU B 167 6.94 -10.83 20.95
CA GLU B 167 6.98 -10.31 19.60
C GLU B 167 8.38 -10.56 19.07
N ALA B 168 8.53 -11.17 17.90
CA ALA B 168 9.86 -11.61 17.46
C ALA B 168 10.22 -11.08 16.13
N HIS B 169 11.52 -10.72 15.96
CA HIS B 169 12.06 -10.32 14.64
C HIS B 169 13.55 -10.53 14.43
N THR B 170 13.85 -11.29 13.42
CA THR B 170 15.19 -11.65 12.99
C THR B 170 15.97 -12.21 14.09
N HIS B 171 16.84 -11.49 14.77
CA HIS B 171 17.65 -12.21 15.82
C HIS B 171 17.30 -11.82 17.29
N GLU B 172 16.13 -11.27 17.48
CA GLU B 172 15.73 -10.99 18.80
C GLU B 172 14.23 -11.04 18.94
N PHE B 173 13.75 -10.82 20.15
CA PHE B 173 12.32 -10.75 20.43
C PHE B 173 12.03 -9.91 21.67
N ILE B 174 10.90 -9.21 21.66
CA ILE B 174 10.46 -8.45 22.82
C ILE B 174 9.48 -9.28 23.57
N SER B 175 9.57 -9.26 24.88
CA SER B 175 8.53 -9.79 25.76
C SER B 175 7.77 -8.64 26.46
N THR B 176 6.50 -8.85 26.74
CA THR B 176 5.65 -7.80 27.35
C THR B 176 4.73 -8.39 28.24
N ALA B 177 4.42 -7.61 29.23
CA ALA B 177 3.44 -8.00 30.17
C ALA B 177 2.05 -7.91 29.48
N HIS B 178 1.84 -6.84 28.76
CA HIS B 178 0.56 -6.60 28.11
C HIS B 178 0.72 -6.34 26.60
N GLU B 179 0.53 -7.35 25.80
CA GLU B 179 0.66 -7.20 24.36
C GLU B 179 -0.47 -6.31 23.84
N ASP B 180 -0.10 -5.25 23.16
CA ASP B 180 -1.00 -4.24 22.74
C ASP B 180 -1.24 -4.33 21.22
N GLN B 181 -2.04 -5.27 20.80
CA GLN B 181 -2.40 -5.46 19.39
C GLN B 181 -3.79 -6.08 19.33
N LYS B 182 -4.32 -6.21 18.13
CA LYS B 182 -5.71 -6.52 17.98
C LYS B 182 -6.01 -7.98 18.03
N PHE B 183 -5.01 -8.84 17.83
CA PHE B 183 -5.29 -10.26 17.65
C PHE B 183 -5.24 -10.99 18.95
N GLY B 184 -6.03 -12.06 19.04
CA GLY B 184 -5.88 -13.00 20.09
C GLY B 184 -6.42 -12.60 21.46
N LEU B 185 -6.32 -13.55 22.36
CA LEU B 185 -6.80 -13.36 23.68
C LEU B 185 -5.65 -13.56 24.67
N SER B 186 -5.39 -12.53 25.48
CA SER B 186 -4.25 -12.58 26.35
C SER B 186 -4.31 -13.75 27.32
N VAL B 187 -3.25 -14.50 27.42
CA VAL B 187 -3.10 -15.53 28.44
C VAL B 187 -2.93 -14.96 29.85
N ALA B 188 -1.99 -14.02 29.99
CA ALA B 188 -1.69 -13.43 31.27
C ALA B 188 -2.86 -12.77 31.93
N SER B 189 -3.84 -12.33 31.18
CA SER B 189 -4.91 -11.49 31.72
C SER B 189 -6.04 -12.38 32.14
N GLY B 190 -6.01 -13.66 31.72
CA GLY B 190 -7.16 -14.56 31.88
C GLY B 190 -8.19 -14.53 30.73
N ALA B 191 -7.99 -13.61 29.78
CA ALA B 191 -8.84 -13.57 28.59
C ALA B 191 -8.83 -14.91 27.84
N ALA B 192 -7.70 -15.58 27.84
CA ALA B 192 -7.54 -16.84 27.12
C ALA B 192 -8.31 -17.97 27.76
N MET B 193 -8.20 -18.09 29.09
CA MET B 193 -8.96 -19.07 29.87
C MET B 193 -10.43 -18.79 29.64
N ALA B 194 -10.81 -17.54 29.73
CA ALA B 194 -12.21 -17.23 29.61
C ALA B 194 -12.74 -17.82 28.27
N ALA B 195 -11.88 -17.79 27.24
CA ALA B 195 -12.24 -18.24 25.91
C ALA B 195 -12.27 -19.74 25.84
N VAL B 196 -11.26 -20.36 26.38
CA VAL B 196 -11.23 -21.80 26.43
C VAL B 196 -12.46 -22.33 27.16
N ARG B 197 -12.91 -21.58 28.13
CA ARG B 197 -13.95 -22.06 28.96
C ARG B 197 -15.26 -21.98 28.20
N ARG B 198 -15.52 -20.82 27.55
CA ARG B 198 -16.69 -20.62 26.65
C ARG B 198 -16.80 -21.70 25.60
N VAL B 199 -15.68 -22.09 24.98
CA VAL B 199 -15.79 -23.01 23.90
C VAL B 199 -16.18 -24.37 24.44
N PHE B 200 -15.57 -24.76 25.54
CA PHE B 200 -15.91 -26.06 26.19
C PHE B 200 -17.38 -26.15 26.54
N ALA B 201 -17.95 -25.00 26.93
CA ALA B 201 -19.31 -24.91 27.41
C ALA B 201 -20.40 -24.89 26.33
N THR B 202 -20.06 -24.55 25.10
CA THR B 202 -21.03 -24.52 24.01
C THR B 202 -21.46 -25.92 23.60
N ASP B 203 -22.55 -25.98 22.82
CA ASP B 203 -23.04 -27.24 22.27
C ASP B 203 -22.40 -27.56 20.93
N HIS B 204 -21.94 -26.55 20.21
CA HIS B 204 -21.72 -26.72 18.80
C HIS B 204 -20.27 -26.47 18.30
N LEU B 205 -19.33 -26.31 19.25
CA LEU B 205 -17.93 -26.07 18.98
C LEU B 205 -17.11 -27.14 19.70
N ARG B 206 -15.98 -27.49 19.14
CA ARG B 206 -15.08 -28.38 19.80
C ARG B 206 -13.69 -27.82 19.75
N LEU B 207 -13.06 -27.63 20.89
CA LEU B 207 -11.77 -27.01 20.94
C LEU B 207 -10.74 -28.06 20.66
N VAL B 208 -9.91 -27.87 19.64
CA VAL B 208 -8.86 -28.88 19.25
C VAL B 208 -7.43 -28.37 19.22
N GLY B 209 -7.24 -27.10 19.54
CA GLY B 209 -5.91 -26.59 19.75
C GLY B 209 -5.87 -25.13 20.16
N LEU B 210 -4.63 -24.65 20.30
CA LEU B 210 -4.33 -23.29 20.62
C LEU B 210 -3.39 -22.72 19.53
N HIS B 211 -3.56 -21.45 19.20
CA HIS B 211 -2.84 -20.82 18.13
C HIS B 211 -2.03 -19.63 18.60
N SER B 212 -0.83 -19.47 18.04
CA SER B 212 0.08 -18.32 18.39
C SER B 212 0.93 -17.89 17.20
N HIS B 213 0.90 -16.61 16.90
CA HIS B 213 1.69 -16.07 15.85
C HIS B 213 2.49 -14.93 16.40
N ILE B 214 3.83 -14.98 16.30
CA ILE B 214 4.65 -14.03 17.09
C ILE B 214 5.52 -13.07 16.31
N GLY B 215 5.49 -13.09 14.99
CA GLY B 215 6.23 -12.10 14.22
C GLY B 215 6.46 -12.43 12.78
N SER B 216 7.61 -11.97 12.27
CA SER B 216 7.93 -12.03 10.82
C SER B 216 9.40 -11.97 10.60
N GLN B 217 9.87 -12.57 9.56
CA GLN B 217 11.31 -12.58 9.29
C GLN B 217 12.10 -13.06 10.51
N ILE B 218 11.61 -14.08 11.19
CA ILE B 218 12.32 -14.60 12.33
C ILE B 218 13.43 -15.49 11.85
N PHE B 219 14.63 -15.31 12.44
CA PHE B 219 15.82 -16.17 12.16
C PHE B 219 16.28 -17.04 13.36
N ASP B 220 15.72 -16.82 14.55
CA ASP B 220 16.16 -17.58 15.74
C ASP B 220 15.00 -18.28 16.21
N VAL B 221 15.26 -19.31 16.95
CA VAL B 221 14.24 -20.10 17.55
C VAL B 221 13.89 -19.61 18.99
N ASP B 222 14.61 -18.64 19.48
CA ASP B 222 14.48 -18.25 20.87
C ASP B 222 13.07 -17.75 21.21
N GLY B 223 12.47 -16.99 20.29
CA GLY B 223 11.15 -16.43 20.48
C GLY B 223 10.09 -17.47 20.50
N PHE B 224 10.26 -18.46 19.60
CA PHE B 224 9.33 -19.56 19.54
C PHE B 224 9.38 -20.38 20.85
N GLU B 225 10.55 -20.46 21.45
CA GLU B 225 10.73 -21.27 22.61
C GLU B 225 9.91 -20.66 23.72
N LEU B 226 10.13 -19.38 23.96
CA LEU B 226 9.48 -18.74 25.06
C LEU B 226 7.98 -18.78 24.77
N ALA B 227 7.58 -18.44 23.54
CA ALA B 227 6.15 -18.54 23.16
C ALA B 227 5.59 -19.92 23.57
N ALA B 228 6.20 -21.01 23.13
CA ALA B 228 5.60 -22.32 23.27
C ALA B 228 5.44 -22.55 24.73
N HIS B 229 6.42 -22.06 25.52
CA HIS B 229 6.45 -22.19 26.96
C HIS B 229 5.16 -21.59 27.55
N ARG B 230 4.89 -20.33 27.19
CA ARG B 230 3.75 -19.62 27.70
C ARG B 230 2.49 -20.30 27.20
N VAL B 231 2.52 -20.75 25.94
CA VAL B 231 1.38 -21.39 25.33
C VAL B 231 1.04 -22.69 26.00
N ILE B 232 2.04 -23.50 26.32
CA ILE B 232 1.80 -24.81 26.88
C ILE B 232 1.56 -24.67 28.35
N GLY B 233 2.00 -23.57 28.92
CA GLY B 233 1.62 -23.24 30.28
C GLY B 233 0.10 -22.95 30.40
N LEU B 234 -0.56 -22.61 29.32
CA LEU B 234 -1.96 -22.38 29.35
C LEU B 234 -2.65 -23.74 29.33
N LEU B 235 -2.12 -24.66 28.51
CA LEU B 235 -2.57 -26.05 28.52
C LEU B 235 -2.47 -26.65 29.94
N ARG B 236 -1.39 -26.33 30.66
CA ARG B 236 -1.22 -26.85 32.01
C ARG B 236 -2.37 -26.37 32.90
N ASP B 237 -2.81 -25.13 32.74
CA ASP B 237 -3.97 -24.70 33.52
C ASP B 237 -5.19 -25.40 33.09
N VAL B 238 -5.28 -25.72 31.82
CA VAL B 238 -6.51 -26.19 31.28
C VAL B 238 -6.83 -27.60 31.75
N VAL B 239 -5.84 -28.31 32.23
CA VAL B 239 -6.08 -29.62 32.88
C VAL B 239 -6.12 -29.45 34.43
N GLY B 240 -5.53 -28.39 34.94
CA GLY B 240 -5.77 -28.03 36.33
C GLY B 240 -7.21 -27.52 36.59
N GLU B 241 -8.02 -27.42 35.52
CA GLU B 241 -9.43 -27.12 35.69
C GLU B 241 -10.25 -28.24 35.17
N PHE B 242 -10.05 -28.64 33.93
CA PHE B 242 -10.96 -29.57 33.30
C PHE B 242 -10.49 -31.00 33.42
N GLY B 243 -9.27 -31.16 33.92
CA GLY B 243 -8.61 -32.45 34.01
C GLY B 243 -8.35 -33.14 32.66
N PRO B 244 -7.29 -33.97 32.58
CA PRO B 244 -7.08 -34.80 31.33
C PRO B 244 -8.19 -35.90 30.99
N GLU B 245 -8.96 -35.66 29.88
CA GLU B 245 -10.08 -36.52 29.28
C GLU B 245 -10.95 -35.60 28.42
N LYS B 246 -11.18 -34.39 28.94
CA LYS B 246 -11.68 -33.34 28.12
C LYS B 246 -10.52 -32.62 27.43
N THR B 247 -9.29 -32.74 27.94
CA THR B 247 -8.19 -31.94 27.39
C THR B 247 -7.41 -32.62 26.28
N ALA B 248 -7.44 -33.93 26.26
CA ALA B 248 -6.85 -34.68 25.17
C ALA B 248 -7.65 -34.52 23.86
N GLN B 249 -8.32 -33.42 23.69
CA GLN B 249 -8.84 -33.09 22.36
C GLN B 249 -8.12 -31.84 21.85
N ILE B 250 -7.61 -31.04 22.79
CA ILE B 250 -6.67 -29.99 22.48
C ILE B 250 -5.31 -30.62 22.11
N ALA B 251 -5.19 -31.17 20.91
CA ALA B 251 -4.03 -32.01 20.55
C ALA B 251 -3.06 -31.31 19.59
N THR B 252 -3.40 -30.05 19.21
CA THR B 252 -2.63 -29.29 18.26
C THR B 252 -2.18 -27.96 18.89
N VAL B 253 -0.89 -27.75 18.89
CA VAL B 253 -0.31 -26.44 19.14
C VAL B 253 0.23 -25.92 17.82
N ASP B 254 -0.45 -24.90 17.29
CA ASP B 254 -0.10 -24.13 16.09
C ASP B 254 0.72 -22.89 16.47
N LEU B 255 1.98 -22.89 16.16
CA LEU B 255 2.92 -21.78 16.54
C LEU B 255 3.01 -20.67 15.52
N GLY B 256 2.08 -20.63 14.58
CA GLY B 256 1.93 -19.46 13.67
C GLY B 256 2.95 -19.55 12.56
N GLY B 257 3.20 -18.46 11.86
CA GLY B 257 4.25 -18.42 10.86
C GLY B 257 5.42 -17.54 11.21
N GLY B 258 5.97 -16.82 10.21
CA GLY B 258 7.01 -15.82 10.44
C GLY B 258 8.39 -16.40 10.26
N LEU B 259 8.43 -17.66 9.95
CA LEU B 259 9.66 -18.30 9.54
C LEU B 259 10.34 -17.42 8.41
N GLY B 260 11.64 -17.16 8.54
CA GLY B 260 12.29 -16.09 7.80
C GLY B 260 12.93 -16.52 6.46
N ILE B 261 13.28 -15.53 5.61
CA ILE B 261 13.98 -15.80 4.35
C ILE B 261 15.05 -14.75 4.05
N SER B 262 15.87 -15.05 3.06
CA SER B 262 16.98 -14.22 2.74
C SER B 262 16.61 -13.30 1.60
N TYR B 263 16.50 -12.00 1.92
CA TYR B 263 16.32 -10.95 0.96
C TYR B 263 17.69 -10.49 0.46
N LEU B 264 18.64 -10.38 1.39
CA LEU B 264 20.05 -10.05 1.06
C LEU B 264 20.95 -11.28 1.29
N PRO B 265 22.11 -11.34 0.61
CA PRO B 265 23.10 -12.42 0.81
C PRO B 265 23.48 -12.67 2.30
N SER B 266 23.57 -11.59 3.09
CA SER B 266 24.02 -11.69 4.46
C SER B 266 22.97 -12.33 5.40
N ASP B 267 21.74 -12.49 4.91
CA ASP B 267 20.60 -13.03 5.73
C ASP B 267 20.74 -14.53 6.01
N ASP B 268 20.74 -14.88 7.29
CA ASP B 268 20.97 -16.28 7.72
C ASP B 268 19.74 -16.89 8.48
N PRO B 269 18.62 -17.11 7.79
CA PRO B 269 17.53 -17.91 8.36
C PRO B 269 17.96 -19.38 8.51
N PRO B 270 17.49 -20.07 9.50
CA PRO B 270 17.91 -21.44 9.69
C PRO B 270 17.22 -22.31 8.65
N PRO B 271 17.91 -23.36 8.26
CA PRO B 271 17.32 -24.30 7.28
C PRO B 271 16.16 -25.12 7.92
N ILE B 272 15.09 -25.21 7.19
CA ILE B 272 13.80 -25.58 7.76
C ILE B 272 13.83 -26.89 8.56
N ALA B 273 14.55 -27.87 8.05
CA ALA B 273 14.66 -29.18 8.70
C ALA B 273 15.24 -29.11 10.15
N GLU B 274 16.22 -28.24 10.31
CA GLU B 274 16.80 -27.86 11.62
C GLU B 274 15.84 -27.11 12.58
N LEU B 275 15.17 -26.07 12.05
CA LEU B 275 14.21 -25.37 12.81
C LEU B 275 13.14 -26.32 13.36
N ALA B 276 12.45 -27.02 12.48
CA ALA B 276 11.38 -27.92 12.89
C ALA B 276 11.82 -28.83 13.98
N ALA B 277 13.06 -29.26 13.89
CA ALA B 277 13.53 -30.28 14.79
C ALA B 277 13.69 -29.70 16.23
N LYS B 278 14.05 -28.41 16.32
CA LYS B 278 14.18 -27.72 17.64
C LYS B 278 12.82 -27.44 18.22
N LEU B 279 11.92 -26.94 17.40
CA LEU B 279 10.57 -26.66 17.77
C LEU B 279 9.84 -27.91 18.19
N GLY B 280 10.09 -29.03 17.50
CA GLY B 280 9.55 -30.32 17.89
C GLY B 280 9.97 -30.71 19.29
N THR B 281 11.27 -30.51 19.57
CA THR B 281 11.86 -30.81 20.89
C THR B 281 11.52 -29.75 21.99
N ILE B 282 11.35 -28.48 21.60
CA ILE B 282 10.87 -27.46 22.52
C ILE B 282 9.46 -27.82 22.98
N VAL B 283 8.69 -28.45 22.12
CA VAL B 283 7.28 -28.72 22.43
C VAL B 283 7.19 -29.96 23.28
N SER B 284 8.04 -30.94 23.02
CA SER B 284 8.03 -32.17 23.80
C SER B 284 8.64 -31.95 25.17
N ASP B 285 9.70 -31.14 25.25
CA ASP B 285 10.40 -30.88 26.57
C ASP B 285 9.52 -30.07 27.53
N GLU B 286 8.75 -29.17 26.92
CA GLU B 286 7.91 -28.23 27.61
C GLU B 286 6.60 -28.86 27.91
N SER B 287 6.27 -29.91 27.18
CA SER B 287 4.99 -30.55 27.25
C SER B 287 5.03 -31.54 28.41
N THR B 288 6.14 -32.27 28.54
CA THR B 288 6.30 -33.19 29.68
C THR B 288 6.73 -32.42 30.93
N ALA B 289 7.58 -31.43 30.78
CA ALA B 289 7.90 -30.49 31.89
C ALA B 289 6.66 -30.18 32.72
N VAL B 290 5.45 -30.25 32.17
CA VAL B 290 4.20 -29.97 32.96
C VAL B 290 3.18 -31.16 32.98
N GLY B 291 3.68 -32.33 32.56
CA GLY B 291 3.00 -33.59 32.76
C GLY B 291 2.00 -33.89 31.69
N LEU B 292 2.28 -33.40 30.47
CA LEU B 292 1.39 -33.68 29.34
C LEU B 292 2.06 -34.53 28.25
N PRO B 293 1.21 -35.21 27.47
CA PRO B 293 1.64 -35.86 26.26
C PRO B 293 1.77 -34.82 25.14
N THR B 294 2.88 -34.84 24.39
CA THR B 294 3.12 -33.83 23.36
C THR B 294 2.02 -33.73 22.33
N PRO B 295 1.51 -32.51 22.12
CA PRO B 295 0.62 -32.24 21.01
C PRO B 295 1.38 -32.23 19.71
N LYS B 296 0.68 -32.41 18.64
CA LYS B 296 1.26 -32.29 17.33
C LYS B 296 1.52 -30.81 17.01
N LEU B 297 2.65 -30.54 16.39
CA LEU B 297 3.06 -29.17 16.03
C LEU B 297 2.57 -28.83 14.66
N VAL B 298 1.92 -27.69 14.57
CA VAL B 298 1.54 -27.13 13.30
C VAL B 298 2.22 -25.81 13.13
N VAL B 299 2.55 -25.48 11.90
CA VAL B 299 3.20 -24.26 11.62
C VAL B 299 2.53 -23.61 10.40
N GLU B 300 2.64 -22.30 10.25
CA GLU B 300 1.89 -21.57 9.20
C GLU B 300 2.73 -20.63 8.22
N PRO B 301 3.70 -21.16 7.50
CA PRO B 301 4.54 -20.31 6.65
C PRO B 301 3.78 -19.69 5.51
N GLY B 302 4.07 -18.45 5.22
CA GLY B 302 3.58 -17.81 4.01
C GLY B 302 4.77 -17.44 3.16
N ARG B 303 5.56 -16.52 3.71
CA ARG B 303 6.79 -16.02 3.11
C ARG B 303 7.81 -17.10 2.78
N ALA B 304 7.93 -18.10 3.65
CA ALA B 304 9.00 -19.11 3.53
C ALA B 304 8.72 -20.10 2.41
N ILE B 305 7.46 -20.12 1.93
CA ILE B 305 7.07 -20.88 0.80
C ILE B 305 7.11 -20.01 -0.45
N ALA B 306 6.41 -18.91 -0.45
CA ALA B 306 6.15 -18.19 -1.67
C ALA B 306 7.18 -17.10 -1.95
N GLY B 307 8.10 -16.92 -1.01
CA GLY B 307 8.99 -15.79 -1.08
C GLY B 307 10.05 -16.01 -2.15
N PRO B 308 10.98 -16.88 -1.86
CA PRO B 308 12.20 -17.01 -2.66
C PRO B 308 11.96 -17.39 -4.14
N GLY B 309 10.98 -18.26 -4.37
CA GLY B 309 10.69 -18.74 -5.71
C GLY B 309 10.54 -17.69 -6.79
N THR B 310 10.10 -16.49 -6.47
CA THR B 310 9.78 -15.58 -7.52
C THR B 310 10.63 -14.28 -7.48
N ILE B 311 10.75 -13.62 -8.64
CA ILE B 311 11.46 -12.35 -8.76
C ILE B 311 10.61 -11.37 -9.62
N THR B 312 10.99 -10.13 -9.65
CA THR B 312 10.25 -9.18 -10.44
C THR B 312 11.17 -8.55 -11.49
N LEU B 313 10.75 -8.57 -12.75
CA LEU B 313 11.61 -8.16 -13.85
C LEU B 313 11.20 -6.82 -14.24
N TYR B 314 12.17 -5.92 -14.31
CA TYR B 314 11.86 -4.58 -14.77
C TYR B 314 12.76 -4.15 -15.96
N GLU B 315 12.32 -3.07 -16.64
CA GLU B 315 13.10 -2.35 -17.61
C GLU B 315 13.49 -0.93 -17.14
N VAL B 316 14.77 -0.72 -17.06
CA VAL B 316 15.28 0.58 -16.76
C VAL B 316 14.77 1.56 -17.79
N GLY B 317 14.22 2.66 -17.35
CA GLY B 317 13.74 3.68 -18.26
C GLY B 317 14.56 4.92 -18.20
N THR B 318 15.03 5.30 -16.99
CA THR B 318 15.80 6.56 -16.82
C THR B 318 16.92 6.32 -15.85
N VAL B 319 18.04 7.03 -16.08
CA VAL B 319 19.16 6.94 -15.24
C VAL B 319 19.60 8.36 -14.98
N LYS B 320 19.48 8.79 -13.72
CA LYS B 320 19.85 10.13 -13.33
C LYS B 320 20.90 10.00 -12.25
N ASP B 321 21.86 10.93 -12.29
CA ASP B 321 22.97 10.93 -11.37
C ASP B 321 22.77 12.06 -10.42
N VAL B 322 22.50 11.76 -9.15
CA VAL B 322 22.06 12.80 -8.18
C VAL B 322 23.12 13.07 -7.14
N ASP B 323 23.40 14.36 -6.95
CA ASP B 323 24.49 14.78 -6.07
C ASP B 323 23.91 14.89 -4.70
N VAL B 324 24.48 14.07 -3.77
CA VAL B 324 24.02 13.87 -2.36
C VAL B 324 25.07 14.39 -1.34
N SER B 325 26.04 15.12 -1.86
CA SER B 325 27.21 15.55 -1.10
C SER B 325 28.07 16.39 -2.04
N ALA B 326 28.94 17.20 -1.48
CA ALA B 326 29.80 18.08 -2.32
C ALA B 326 30.76 17.25 -3.26
N THR B 327 30.87 15.97 -2.97
CA THR B 327 31.85 15.15 -3.56
C THR B 327 31.18 13.82 -3.97
N ALA B 328 30.24 13.31 -3.18
CA ALA B 328 29.57 12.04 -3.54
C ALA B 328 28.34 12.15 -4.53
N HIS B 329 28.00 11.00 -5.10
CA HIS B 329 26.94 10.87 -6.06
C HIS B 329 26.02 9.59 -5.78
N ARG B 330 24.73 9.71 -6.10
CA ARG B 330 23.85 8.53 -6.04
C ARG B 330 23.17 8.28 -7.39
N ARG B 331 23.32 7.07 -7.92
CA ARG B 331 22.77 6.73 -9.24
C ARG B 331 21.32 6.31 -9.16
N TYR B 332 20.41 7.23 -9.48
CA TYR B 332 18.98 6.94 -9.44
C TYR B 332 18.56 6.21 -10.72
N VAL B 333 18.27 4.91 -10.57
CA VAL B 333 17.82 4.19 -11.71
C VAL B 333 16.31 3.88 -11.65
N SER B 334 15.57 4.67 -12.44
CA SER B 334 14.11 4.63 -12.52
C SER B 334 13.64 3.56 -13.45
N VAL B 335 12.56 2.91 -13.05
CA VAL B 335 12.24 1.64 -13.59
C VAL B 335 10.76 1.53 -13.91
N ASP B 336 10.44 0.37 -14.31
CA ASP B 336 9.27 0.08 -15.08
C ASP B 336 7.85 0.17 -14.26
N GLY B 337 7.85 -0.27 -12.99
CA GLY B 337 6.69 -0.16 -12.11
C GLY B 337 6.94 0.71 -10.89
N GLY B 338 6.96 0.10 -9.70
CA GLY B 338 7.22 0.81 -8.46
C GLY B 338 6.42 0.35 -7.24
N MET B 339 6.06 1.29 -6.37
CA MET B 339 5.45 0.95 -5.05
C MET B 339 4.07 0.26 -5.27
N SER B 340 3.51 0.42 -6.47
CA SER B 340 2.32 -0.29 -6.88
C SER B 340 2.53 -1.81 -6.99
N ASP B 341 3.69 -2.24 -7.41
CA ASP B 341 3.90 -3.66 -7.48
C ASP B 341 4.76 -4.18 -6.35
N ASN B 342 5.32 -3.27 -5.60
CA ASN B 342 6.20 -3.62 -4.46
C ASN B 342 6.26 -2.45 -3.53
N ILE B 343 5.37 -2.46 -2.51
CA ILE B 343 5.23 -1.34 -1.58
C ILE B 343 6.03 -1.60 -0.33
N ARG B 344 6.67 -2.75 -0.24
CA ARG B 344 7.30 -3.19 0.97
C ARG B 344 8.41 -2.24 1.46
N THR B 345 9.11 -1.60 0.55
CA THR B 345 10.21 -0.83 0.97
C THR B 345 9.62 0.38 1.66
N ALA B 346 8.64 0.98 1.04
CA ALA B 346 8.04 2.15 1.65
C ALA B 346 7.24 1.80 2.93
N LEU B 347 6.65 0.61 2.98
CA LEU B 347 5.68 0.28 4.00
C LEU B 347 6.39 -0.29 5.24
N TYR B 348 7.40 -1.12 5.05
CA TYR B 348 8.07 -1.75 6.16
C TYR B 348 9.54 -1.41 6.27
N GLY B 349 10.09 -0.69 5.29
CA GLY B 349 11.50 -0.42 5.26
C GLY B 349 12.30 -1.64 4.81
N ALA B 350 11.72 -2.48 3.96
CA ALA B 350 12.35 -3.73 3.52
C ALA B 350 13.62 -3.47 2.74
N GLN B 351 14.49 -4.48 2.69
CA GLN B 351 15.74 -4.43 1.95
C GLN B 351 15.89 -5.56 0.95
N TYR B 352 15.94 -5.21 -0.36
CA TYR B 352 15.99 -6.22 -1.45
C TYR B 352 17.35 -6.21 -2.20
N ASP B 353 17.68 -7.37 -2.80
CA ASP B 353 18.76 -7.54 -3.80
C ASP B 353 18.24 -7.24 -5.22
N VAL B 354 19.07 -6.60 -6.03
CA VAL B 354 18.72 -6.28 -7.36
C VAL B 354 19.96 -6.39 -8.23
N ARG B 355 19.82 -7.08 -9.37
CA ARG B 355 20.93 -7.39 -10.25
C ARG B 355 20.60 -7.10 -11.71
N LEU B 356 21.59 -6.65 -12.46
CA LEU B 356 21.47 -6.63 -13.94
C LEU B 356 21.36 -8.08 -14.53
N VAL B 357 20.39 -8.29 -15.43
CA VAL B 357 20.12 -9.67 -15.95
C VAL B 357 20.10 -9.78 -17.51
N SER B 358 19.80 -8.67 -18.21
CA SER B 358 19.83 -8.66 -19.63
C SER B 358 21.23 -8.85 -20.20
N ARG B 359 22.26 -8.67 -19.38
CA ARG B 359 23.67 -8.77 -19.86
C ARG B 359 24.70 -8.63 -18.76
N VAL B 360 25.94 -8.89 -19.10
CA VAL B 360 27.00 -8.82 -18.14
C VAL B 360 27.77 -7.53 -18.31
N SER B 361 28.24 -6.99 -17.22
CA SER B 361 28.95 -5.75 -17.29
C SER B 361 30.29 -5.82 -16.68
N ASP B 362 31.15 -5.01 -17.24
CA ASP B 362 32.52 -4.85 -16.78
C ASP B 362 32.58 -3.73 -15.83
N ALA B 363 31.82 -2.67 -16.16
CA ALA B 363 31.92 -1.38 -15.48
C ALA B 363 31.85 -1.57 -13.99
N PRO B 364 32.59 -0.73 -13.27
CA PRO B 364 32.68 -0.89 -11.82
C PRO B 364 31.33 -0.49 -11.12
N PRO B 365 31.07 -1.08 -9.98
CA PRO B 365 29.81 -0.89 -9.27
C PRO B 365 29.71 0.50 -8.73
N VAL B 366 28.54 1.10 -8.82
CA VAL B 366 28.31 2.46 -8.36
C VAL B 366 27.14 2.46 -7.33
N PRO B 367 27.20 3.31 -6.31
CA PRO B 367 26.10 3.38 -5.32
C PRO B 367 24.79 3.89 -5.93
N ALA B 368 23.67 3.21 -5.62
CA ALA B 368 22.41 3.52 -6.33
C ALA B 368 21.09 3.34 -5.51
N ARG B 369 20.00 3.81 -6.13
CA ARG B 369 18.64 3.68 -5.64
C ARG B 369 17.75 3.27 -6.81
N LEU B 370 17.21 2.06 -6.76
CA LEU B 370 16.20 1.62 -7.71
C LEU B 370 14.88 2.19 -7.34
N VAL B 371 14.35 2.99 -8.24
CA VAL B 371 13.27 3.87 -7.98
C VAL B 371 12.17 3.55 -9.00
N GLY B 372 10.96 4.03 -8.80
CA GLY B 372 9.82 3.58 -9.61
C GLY B 372 9.39 4.71 -10.49
N LYS B 373 8.15 4.64 -11.01
CA LYS B 373 7.69 5.70 -11.90
C LYS B 373 6.49 6.59 -11.40
N HIS B 374 6.08 6.41 -10.15
CA HIS B 374 4.95 7.17 -9.60
C HIS B 374 5.34 8.56 -9.13
N CYS B 375 4.37 9.47 -9.10
CA CYS B 375 4.65 10.86 -8.75
C CYS B 375 4.74 11.08 -7.25
N GLU B 376 5.64 10.34 -6.61
CA GLU B 376 5.84 10.44 -5.22
C GLU B 376 7.31 10.11 -4.87
N SER B 377 7.97 10.96 -4.08
CA SER B 377 9.41 10.76 -3.84
C SER B 377 9.72 9.49 -3.18
N GLY B 378 8.76 8.99 -2.33
CA GLY B 378 8.99 7.76 -1.58
C GLY B 378 8.78 6.50 -2.38
N ASP B 379 8.61 6.67 -3.67
CA ASP B 379 8.37 5.55 -4.52
C ASP B 379 9.71 4.96 -4.79
N ILE B 380 10.17 4.15 -3.85
CA ILE B 380 11.48 3.59 -3.89
C ILE B 380 11.33 2.07 -3.73
N ILE B 381 11.93 1.35 -4.65
CA ILE B 381 11.89 -0.09 -4.64
C ILE B 381 13.05 -0.66 -3.87
N VAL B 382 14.24 -0.13 -4.12
CA VAL B 382 15.44 -0.56 -3.43
C VAL B 382 16.17 0.71 -3.00
N ARG B 383 16.35 0.88 -1.72
CA ARG B 383 16.83 2.12 -1.22
C ARG B 383 18.34 2.19 -1.42
N ASP B 384 19.05 1.15 -1.10
CA ASP B 384 20.48 1.27 -1.05
C ASP B 384 21.12 0.13 -1.68
N THR B 385 21.44 0.23 -2.97
CA THR B 385 22.13 -0.88 -3.61
C THR B 385 23.35 -0.47 -4.44
N TRP B 386 23.68 -1.26 -5.44
CA TRP B 386 24.83 -0.99 -6.32
C TRP B 386 24.52 -1.41 -7.74
N VAL B 387 24.83 -0.56 -8.71
CA VAL B 387 24.68 -0.93 -10.08
C VAL B 387 25.95 -0.68 -10.95
N PRO B 388 26.17 -1.53 -11.95
CA PRO B 388 27.24 -1.26 -12.87
C PRO B 388 27.11 0.14 -13.47
N ASP B 389 28.25 0.84 -13.61
CA ASP B 389 28.31 2.26 -13.99
C ASP B 389 27.80 2.53 -15.39
N ASP B 390 27.81 1.48 -16.22
CA ASP B 390 27.32 1.58 -17.62
C ASP B 390 25.85 1.24 -17.74
N ILE B 391 25.12 1.22 -16.61
CA ILE B 391 23.67 0.96 -16.56
C ILE B 391 22.94 1.98 -17.34
N ARG B 392 22.00 1.54 -18.16
CA ARG B 392 21.38 2.42 -19.15
C ARG B 392 20.04 1.91 -19.56
N PRO B 393 19.19 2.81 -20.08
CA PRO B 393 17.80 2.46 -20.40
C PRO B 393 17.74 1.34 -21.31
N GLY B 394 16.62 0.60 -21.32
CA GLY B 394 16.50 -0.65 -22.07
C GLY B 394 17.18 -1.86 -21.42
N ASP B 395 18.09 -1.66 -20.45
CA ASP B 395 18.56 -2.77 -19.60
C ASP B 395 17.40 -3.47 -18.81
N LEU B 396 17.61 -4.76 -18.47
CA LEU B 396 16.71 -5.45 -17.58
C LEU B 396 17.39 -5.79 -16.25
N VAL B 397 16.75 -5.36 -15.14
CA VAL B 397 17.12 -5.73 -13.75
C VAL B 397 15.99 -6.51 -13.11
N ALA B 398 16.33 -7.24 -12.11
CA ALA B 398 15.38 -8.06 -11.45
C ALA B 398 15.66 -8.00 -9.93
N VAL B 399 14.57 -8.01 -9.18
CA VAL B 399 14.58 -7.87 -7.76
C VAL B 399 14.22 -9.22 -7.20
N ALA B 400 15.00 -9.70 -6.25
CA ALA B 400 14.81 -11.03 -5.74
C ALA B 400 13.76 -11.10 -4.61
N ALA B 401 13.15 -12.27 -4.49
CA ALA B 401 12.32 -12.59 -3.35
C ALA B 401 11.07 -11.68 -3.22
N THR B 402 10.36 -11.51 -4.33
CA THR B 402 9.11 -10.69 -4.37
C THR B 402 7.88 -11.59 -4.44
N GLY B 403 8.10 -12.84 -4.13
CA GLY B 403 7.02 -13.81 -4.13
C GLY B 403 5.92 -13.61 -3.08
N ALA B 404 6.27 -12.91 -1.99
CA ALA B 404 5.43 -12.82 -0.80
C ALA B 404 5.07 -11.39 -0.52
N TYR B 405 3.81 -11.15 -0.23
CA TYR B 405 3.31 -9.79 0.10
C TYR B 405 3.70 -8.72 -0.89
N CYS B 406 3.74 -9.02 -2.17
CA CYS B 406 4.15 -8.00 -3.11
C CYS B 406 3.08 -7.76 -4.03
N TYR B 407 2.69 -8.82 -4.73
CA TYR B 407 1.54 -8.76 -5.61
C TYR B 407 0.24 -8.67 -4.77
N SER B 408 0.23 -9.36 -3.61
CA SER B 408 -0.92 -9.25 -2.65
C SER B 408 -1.23 -7.84 -2.28
N LEU B 409 -0.16 -7.01 -2.18
CA LEU B 409 -0.28 -5.62 -1.72
C LEU B 409 -0.38 -4.69 -2.85
N SER B 410 -0.45 -5.25 -4.07
CA SER B 410 -0.38 -4.42 -5.28
C SER B 410 -1.55 -3.57 -5.36
N SER B 411 -1.35 -2.33 -5.80
CA SER B 411 -2.44 -1.34 -6.00
C SER B 411 -2.39 -0.76 -7.43
N ARG B 412 -3.26 0.19 -7.76
CA ARG B 412 -3.20 0.91 -9.04
C ARG B 412 -2.85 2.34 -8.83
N TYR B 413 -1.84 2.59 -8.03
CA TYR B 413 -1.40 3.98 -7.76
C TYR B 413 -0.98 4.60 -9.06
N ASN B 414 -1.49 5.78 -9.30
CA ASN B 414 -1.25 6.51 -10.57
C ASN B 414 -1.71 5.78 -11.79
N MET B 415 -2.84 5.06 -11.64
CA MET B 415 -3.36 4.15 -12.63
C MET B 415 -2.28 3.29 -13.30
N VAL B 416 -1.38 2.68 -12.53
CA VAL B 416 -0.42 1.73 -13.06
C VAL B 416 -0.94 0.38 -12.76
N GLY B 417 -1.25 -0.38 -13.81
CA GLY B 417 -1.94 -1.62 -13.63
C GLY B 417 -1.06 -2.69 -13.09
N ARG B 418 -1.69 -3.75 -12.57
CA ARG B 418 -0.99 -4.85 -12.00
C ARG B 418 -0.15 -5.53 -13.08
N PRO B 419 1.11 -5.73 -12.82
CA PRO B 419 1.96 -6.53 -13.69
C PRO B 419 1.37 -7.93 -14.03
N ALA B 420 1.97 -8.58 -15.02
CA ALA B 420 1.66 -9.98 -15.33
C ALA B 420 2.40 -10.88 -14.44
N VAL B 421 1.83 -12.02 -14.11
CA VAL B 421 2.55 -13.02 -13.36
C VAL B 421 2.62 -14.27 -14.18
N VAL B 422 3.76 -14.92 -14.20
CA VAL B 422 4.05 -16.02 -15.08
C VAL B 422 4.78 -17.05 -14.32
N ALA B 423 4.45 -18.32 -14.57
CA ALA B 423 5.18 -19.44 -13.96
C ALA B 423 6.05 -20.11 -14.93
N VAL B 424 7.22 -20.55 -14.47
CA VAL B 424 8.16 -21.29 -15.30
C VAL B 424 8.52 -22.63 -14.65
N HIS B 425 8.20 -23.71 -15.39
CA HIS B 425 8.53 -25.08 -15.03
C HIS B 425 9.32 -25.68 -16.17
N ALA B 426 10.56 -26.04 -15.90
CA ALA B 426 11.45 -26.78 -16.85
C ALA B 426 11.37 -26.31 -18.32
N GLY B 427 11.84 -25.10 -18.57
CA GLY B 427 11.94 -24.57 -19.90
C GLY B 427 10.65 -24.07 -20.47
N ASN B 428 9.54 -24.30 -19.77
CA ASN B 428 8.29 -23.84 -20.27
C ASN B 428 7.72 -22.76 -19.41
N ALA B 429 7.09 -21.76 -20.05
CA ALA B 429 6.60 -20.61 -19.35
C ALA B 429 5.20 -20.34 -19.76
N ARG B 430 4.29 -20.34 -18.78
CA ARG B 430 2.92 -19.95 -19.03
C ARG B 430 2.53 -18.74 -18.23
N LEU B 431 1.57 -18.01 -18.77
CA LEU B 431 0.91 -16.90 -18.09
C LEU B 431 -0.06 -17.42 -17.04
N VAL B 432 0.06 -16.91 -15.81
CA VAL B 432 -0.83 -17.26 -14.72
C VAL B 432 -1.85 -16.19 -14.42
N LEU B 433 -1.38 -14.96 -14.36
CA LEU B 433 -2.23 -13.78 -14.10
C LEU B 433 -1.86 -12.73 -15.11
N ARG B 434 -2.82 -12.35 -15.87
CA ARG B 434 -2.61 -11.44 -16.95
C ARG B 434 -2.47 -10.07 -16.41
N ARG B 435 -1.97 -9.18 -17.24
CA ARG B 435 -1.63 -7.82 -16.86
C ARG B 435 -2.84 -6.97 -17.06
N GLU B 436 -3.03 -5.94 -16.25
CA GLU B 436 -4.26 -5.14 -16.30
C GLU B 436 -4.12 -4.15 -17.39
N THR B 437 -5.24 -3.57 -17.82
CA THR B 437 -5.31 -2.74 -19.00
C THR B 437 -6.19 -1.57 -18.70
N VAL B 438 -6.28 -0.67 -19.61
CA VAL B 438 -7.11 0.49 -19.39
C VAL B 438 -8.54 0.13 -19.11
N ASP B 439 -8.96 -1.03 -19.58
CA ASP B 439 -10.34 -1.45 -19.39
C ASP B 439 -10.60 -1.85 -17.93
N ASP B 440 -9.68 -2.65 -17.36
CA ASP B 440 -9.75 -3.00 -15.93
C ASP B 440 -9.72 -1.71 -15.04
N LEU B 441 -9.03 -0.69 -15.52
CA LEU B 441 -8.88 0.53 -14.80
C LEU B 441 -10.13 1.23 -14.76
N LEU B 442 -10.93 1.06 -15.79
CA LEU B 442 -12.19 1.79 -15.88
C LEU B 442 -13.38 0.89 -15.54
N SER B 443 -13.08 -0.37 -15.17
CA SER B 443 -14.07 -1.40 -15.10
C SER B 443 -15.06 -1.26 -13.98
N LEU B 444 -14.87 -0.30 -13.10
CA LEU B 444 -15.72 -0.13 -11.97
C LEU B 444 -16.52 1.13 -12.15
N GLU B 445 -16.27 1.98 -13.10
CA GLU B 445 -17.02 3.15 -13.55
C GLU B 445 -18.43 2.78 -14.03
N VAL B 446 -19.39 3.68 -13.76
CA VAL B 446 -20.83 3.44 -13.87
C VAL B 446 -21.46 4.25 -14.98
N ARG B 447 -22.14 5.36 -14.74
CA ARG B 447 -22.55 6.46 -15.57
C ARG B 447 -23.98 7.01 -15.46
#